data_1KJ9
#
_entry.id   1KJ9
#
_cell.length_a   62.300
_cell.length_b   179.500
_cell.length_c   75.700
_cell.angle_alpha   90.00
_cell.angle_beta   90.00
_cell.angle_gamma   90.00
#
_symmetry.space_group_name_H-M   'P 21 21 2'
#
loop_
_entity.id
_entity.type
_entity.pdbx_description
1 polymer 'phosphoribosylglycinamide formyltransferase 2'
2 non-polymer 'MAGNESIUM ION'
3 non-polymer 'SODIUM ION'
4 non-polymer 'CHLORIDE ION'
5 non-polymer "ADENOSINE-5'-TRIPHOSPHATE"
6 non-polymer '3[N-MORPHOLINO]PROPANE SULFONIC ACID'
7 non-polymer 1,2-ETHANEDIOL
8 water water
#
_entity_poly.entity_id   1
_entity_poly.type   'polypeptide(L)'
_entity_poly.pdbx_seq_one_letter_code
;TLLGTALRPAATRVMLLGSGELGKEVAIECQRLGVEVIAVDRYADAPAMHVAHRSHVINMLDGDALRRVVELEKPHYIVP
EIEAIATDMLIQLEEEGLNVVPCARATKLTMNREGIRRLAAEELQLPTSTYRFADSESLFREAVADIGYPCIVKPVMSSS
GKGQTFIRSAEQLAQAWKYAQQGGRAGAGRVIVEGVVKFDFEITLLTVSAVDGVHFCAPVGHRQEDGDYRESWQPQQMSP
LALERAQEIARKVVLALGGYGLFGVELFVCGDEVIFSEVSPRPHDTGMVTLISQDLSEFALHVRAFLGLPVGGIRQYGPA
ASAVILPQLTSQNVTFDNVQNAVGADLQIRLFGKPEIDGSRRLGVALATAESVVDAIERAKHAAGQVKVQG
;
_entity_poly.pdbx_strand_id   A,B
#
loop_
_chem_comp.id
_chem_comp.type
_chem_comp.name
_chem_comp.formula
ATP non-polymer ADENOSINE-5'-TRIPHOSPHATE 'C10 H16 N5 O13 P3'
CL non-polymer 'CHLORIDE ION' 'Cl -1'
EDO non-polymer 1,2-ETHANEDIOL 'C2 H6 O2'
MG non-polymer 'MAGNESIUM ION' 'Mg 2'
MPO non-polymer '3[N-MORPHOLINO]PROPANE SULFONIC ACID' 'C7 H15 N O4 S'
NA non-polymer 'SODIUM ION' 'Na 1'
#
# COMPACT_ATOMS: atom_id res chain seq x y z
N THR A 1 -3.61 19.02 -13.38
CA THR A 1 -2.53 18.06 -13.11
C THR A 1 -2.43 16.92 -14.13
N LEU A 2 -1.24 16.81 -14.68
CA LEU A 2 -0.83 15.83 -15.69
C LEU A 2 0.28 14.90 -15.16
N LEU A 3 0.01 13.59 -15.23
CA LEU A 3 1.00 12.62 -14.82
C LEU A 3 1.36 11.74 -16.04
N GLY A 4 2.65 11.42 -16.19
CA GLY A 4 3.14 10.55 -17.26
C GLY A 4 3.05 9.11 -16.78
N THR A 5 3.67 8.17 -17.52
CA THR A 5 3.72 6.75 -17.16
C THR A 5 5.17 6.45 -16.78
N ALA A 6 5.40 5.87 -15.61
CA ALA A 6 6.78 5.56 -15.21
C ALA A 6 7.53 4.76 -16.29
N LEU A 7 8.78 5.15 -16.48
CA LEU A 7 9.72 4.55 -17.43
C LEU A 7 9.47 4.98 -18.88
N ARG A 8 8.39 5.74 -19.12
CA ARG A 8 8.13 6.22 -20.50
C ARG A 8 8.68 7.62 -20.65
N PRO A 9 8.84 8.07 -21.87
CA PRO A 9 9.42 9.40 -22.06
C PRO A 9 8.80 10.57 -21.30
N ALA A 10 7.47 10.52 -21.16
CA ALA A 10 6.74 11.57 -20.48
C ALA A 10 6.57 11.28 -18.97
N ALA A 11 7.29 10.29 -18.45
CA ALA A 11 7.21 9.96 -17.03
C ALA A 11 7.34 11.17 -16.09
N THR A 12 6.65 11.08 -14.94
CA THR A 12 6.73 12.08 -13.90
C THR A 12 7.76 11.49 -12.93
N ARG A 13 8.90 12.18 -12.71
CA ARG A 13 9.91 11.59 -11.86
C ARG A 13 10.05 12.22 -10.49
N VAL A 14 10.03 11.37 -9.47
CA VAL A 14 10.18 11.80 -8.09
C VAL A 14 11.49 11.22 -7.52
N MET A 15 12.33 12.08 -6.93
CA MET A 15 13.57 11.63 -6.29
C MET A 15 13.39 11.68 -4.78
N LEU A 16 13.64 10.56 -4.09
CA LEU A 16 13.51 10.55 -2.64
C LEU A 16 14.89 10.72 -2.05
N LEU A 17 15.09 11.76 -1.25
CA LEU A 17 16.38 11.99 -0.60
C LEU A 17 16.20 11.51 0.83
N GLY A 18 16.50 10.22 1.00
CA GLY A 18 16.31 9.48 2.25
C GLY A 18 15.27 8.39 1.93
N SER A 19 15.72 7.15 2.10
CA SER A 19 15.01 5.93 1.75
C SER A 19 14.68 4.98 2.93
N GLY A 20 14.37 5.59 4.09
CA GLY A 20 14.00 4.88 5.29
C GLY A 20 12.55 4.45 5.18
N GLU A 21 12.01 3.95 6.29
CA GLU A 21 10.62 3.49 6.30
C GLU A 21 9.58 4.54 5.90
N LEU A 22 9.84 5.84 6.19
CA LEU A 22 8.93 6.91 5.81
C LEU A 22 8.97 7.10 4.28
N GLY A 23 10.18 7.14 3.70
CA GLY A 23 10.35 7.27 2.25
C GLY A 23 9.73 6.04 1.54
N LYS A 24 9.84 4.88 2.18
CA LYS A 24 9.31 3.66 1.59
C LYS A 24 7.82 3.77 1.27
N GLU A 25 7.07 4.35 2.19
CA GLU A 25 5.64 4.49 1.98
C GLU A 25 5.33 5.57 0.94
N VAL A 26 6.16 6.61 0.93
CA VAL A 26 5.99 7.62 -0.09
C VAL A 26 6.26 6.94 -1.44
N ALA A 27 7.30 6.09 -1.53
CA ALA A 27 7.57 5.41 -2.80
C ALA A 27 6.38 4.56 -3.27
N ILE A 28 5.81 3.79 -2.34
CA ILE A 28 4.63 2.94 -2.63
C ILE A 28 3.48 3.81 -3.10
N GLU A 29 3.27 4.94 -2.46
CA GLU A 29 2.20 5.83 -2.91
C GLU A 29 2.43 6.48 -4.30
N CYS A 30 3.70 6.77 -4.63
CA CYS A 30 4.04 7.29 -5.95
C CYS A 30 3.85 6.18 -7.00
N GLN A 31 4.28 4.98 -6.66
CA GLN A 31 4.16 3.82 -7.51
C GLN A 31 2.71 3.49 -7.81
N ARG A 32 1.83 3.71 -6.83
CA ARG A 32 0.42 3.43 -7.02
C ARG A 32 -0.23 4.37 -8.06
N LEU A 33 0.45 5.51 -8.37
CA LEU A 33 0.00 6.48 -9.39
C LEU A 33 0.88 6.40 -10.66
N GLY A 34 1.70 5.35 -10.76
CA GLY A 34 2.57 5.19 -11.95
C GLY A 34 3.66 6.26 -12.04
N VAL A 35 4.03 6.87 -10.90
CA VAL A 35 5.08 7.88 -10.80
C VAL A 35 6.41 7.16 -10.72
N GLU A 36 7.40 7.66 -11.48
CA GLU A 36 8.72 7.08 -11.54
C GLU A 36 9.49 7.47 -10.26
N VAL A 37 10.10 6.49 -9.58
CA VAL A 37 10.78 6.75 -8.32
C VAL A 37 12.27 6.41 -8.29
N ILE A 38 13.07 7.42 -7.94
CA ILE A 38 14.48 7.23 -7.79
C ILE A 38 14.79 7.42 -6.29
N ALA A 39 15.31 6.35 -5.65
CA ALA A 39 15.59 6.35 -4.21
C ALA A 39 17.06 6.54 -3.95
N VAL A 40 17.32 7.57 -3.12
CA VAL A 40 18.67 7.96 -2.71
C VAL A 40 18.82 7.87 -1.17
N ASP A 41 20.00 7.42 -0.75
CA ASP A 41 20.37 7.33 0.67
C ASP A 41 21.86 7.22 0.78
N ARG A 42 22.32 7.03 2.03
CA ARG A 42 23.74 6.92 2.35
C ARG A 42 24.21 5.45 2.52
N TYR A 43 23.31 4.49 2.29
CA TYR A 43 23.66 3.07 2.38
C TYR A 43 22.80 2.31 1.38
N ALA A 44 23.30 1.18 0.92
CA ALA A 44 22.60 0.37 -0.06
C ALA A 44 21.47 -0.48 0.52
N ASP A 45 20.49 -0.80 -0.36
CA ASP A 45 19.36 -1.63 0.03
C ASP A 45 18.50 -1.06 1.15
N ALA A 46 18.49 0.28 1.24
CA ALA A 46 17.65 1.01 2.18
C ALA A 46 16.19 0.73 1.79
N PRO A 47 15.32 0.64 2.78
CA PRO A 47 13.91 0.33 2.56
C PRO A 47 13.20 0.88 1.28
N ALA A 48 13.22 2.18 1.01
CA ALA A 48 12.56 2.72 -0.16
C ALA A 48 13.17 2.23 -1.48
N MET A 49 14.46 1.83 -1.43
CA MET A 49 15.12 1.31 -2.60
C MET A 49 14.51 0.00 -3.07
N HIS A 50 13.93 -0.74 -2.13
CA HIS A 50 13.33 -2.00 -2.47
C HIS A 50 12.15 -1.85 -3.44
N VAL A 51 11.49 -0.69 -3.36
CA VAL A 51 10.31 -0.41 -4.16
C VAL A 51 10.48 0.78 -5.12
N ALA A 52 11.72 1.09 -5.47
CA ALA A 52 12.01 2.19 -6.39
C ALA A 52 12.40 1.70 -7.78
N HIS A 53 12.20 2.51 -8.81
CA HIS A 53 12.63 2.10 -10.14
C HIS A 53 14.15 2.02 -10.20
N ARG A 54 14.86 3.00 -9.60
CA ARG A 54 16.34 3.05 -9.59
C ARG A 54 16.80 3.63 -8.25
N SER A 55 18.01 3.23 -7.80
CA SER A 55 18.58 3.71 -6.53
C SER A 55 20.03 4.17 -6.72
N HIS A 56 20.40 5.12 -5.87
CA HIS A 56 21.75 5.70 -5.84
C HIS A 56 22.14 5.89 -4.40
N VAL A 57 23.44 5.79 -4.11
CA VAL A 57 23.99 5.93 -2.77
C VAL A 57 25.01 7.04 -2.81
N ILE A 58 24.80 8.11 -2.03
CA ILE A 58 25.71 9.26 -1.99
C ILE A 58 25.65 9.89 -0.64
N ASN A 59 26.52 10.88 -0.48
CA ASN A 59 26.55 11.66 0.72
C ASN A 59 25.51 12.78 0.52
N MET A 60 24.39 12.65 1.19
CA MET A 60 23.31 13.62 1.07
C MET A 60 23.57 15.01 1.64
N LEU A 61 24.67 15.14 2.37
CA LEU A 61 25.04 16.43 2.95
C LEU A 61 26.05 17.12 2.05
N ASP A 62 26.42 16.43 0.97
CA ASP A 62 27.37 16.94 0.00
C ASP A 62 26.61 17.57 -1.19
N GLY A 63 26.57 18.89 -1.23
CA GLY A 63 25.87 19.65 -2.27
C GLY A 63 26.31 19.28 -3.66
N ASP A 64 27.61 19.05 -3.82
CA ASP A 64 28.12 18.68 -5.11
C ASP A 64 27.53 17.34 -5.52
N ALA A 65 27.53 16.37 -4.57
CA ALA A 65 27.02 15.02 -4.83
C ALA A 65 25.54 15.11 -5.20
N LEU A 66 24.84 15.98 -4.47
CA LEU A 66 23.43 16.20 -4.70
C LEU A 66 23.22 16.74 -6.11
N ARG A 67 23.99 17.75 -6.48
CA ARG A 67 23.83 18.27 -7.82
C ARG A 67 24.08 17.19 -8.87
N ARG A 68 25.10 16.36 -8.65
CA ARG A 68 25.38 15.33 -9.67
C ARG A 68 24.23 14.34 -9.91
N VAL A 69 23.61 13.88 -8.81
CA VAL A 69 22.54 12.91 -8.96
C VAL A 69 21.29 13.53 -9.55
N VAL A 70 21.07 14.79 -9.18
CA VAL A 70 19.95 15.49 -9.71
C VAL A 70 20.17 15.72 -11.22
N GLU A 71 21.42 16.06 -11.61
CA GLU A 71 21.65 16.26 -13.06
C GLU A 71 21.50 14.97 -13.82
N LEU A 72 21.94 13.87 -13.22
CA LEU A 72 21.85 12.55 -13.84
C LEU A 72 20.43 12.07 -14.04
N GLU A 73 19.62 12.19 -13.01
CA GLU A 73 18.24 11.72 -13.00
C GLU A 73 17.15 12.68 -13.46
N LYS A 74 17.43 13.97 -13.44
CA LYS A 74 16.47 14.99 -13.83
C LYS A 74 15.07 14.78 -13.26
N PRO A 75 14.98 14.63 -11.95
CA PRO A 75 13.67 14.43 -11.38
C PRO A 75 12.84 15.73 -11.49
N HIS A 76 11.51 15.57 -11.47
CA HIS A 76 10.61 16.73 -11.46
C HIS A 76 10.48 17.22 -9.99
N TYR A 77 10.59 16.26 -9.06
CA TYR A 77 10.48 16.58 -7.64
C TYR A 77 11.57 15.97 -6.83
N ILE A 78 11.99 16.69 -5.79
CA ILE A 78 12.94 16.13 -4.85
C ILE A 78 12.23 16.15 -3.50
N VAL A 79 12.07 14.96 -2.88
CA VAL A 79 11.32 14.73 -1.63
C VAL A 79 12.25 14.21 -0.52
N PRO A 80 12.71 15.12 0.36
CA PRO A 80 13.62 14.71 1.44
C PRO A 80 12.91 14.02 2.56
N GLU A 81 13.60 13.09 3.17
CA GLU A 81 13.02 12.30 4.25
C GLU A 81 13.57 12.69 5.62
N ILE A 82 14.75 13.34 5.62
CA ILE A 82 15.44 13.73 6.86
C ILE A 82 15.92 15.18 6.85
N GLU A 83 16.33 15.65 8.01
CA GLU A 83 16.80 17.00 8.20
C GLU A 83 18.21 17.27 7.74
N ALA A 84 19.06 16.27 7.90
CA ALA A 84 20.47 16.35 7.53
C ALA A 84 20.79 16.13 6.06
N ILE A 85 20.54 17.18 5.28
CA ILE A 85 20.79 17.17 3.84
C ILE A 85 21.35 18.53 3.43
N ALA A 86 21.96 18.61 2.23
CA ALA A 86 22.55 19.84 1.67
C ALA A 86 21.51 20.91 1.27
N THR A 87 20.94 21.55 2.29
CA THR A 87 19.89 22.56 2.07
C THR A 87 20.29 23.77 1.22
N ASP A 88 21.56 24.21 1.26
CA ASP A 88 21.93 25.34 0.40
C ASP A 88 21.85 24.95 -1.07
N MET A 89 22.23 23.69 -1.38
CA MET A 89 22.15 23.21 -2.75
C MET A 89 20.69 23.07 -3.15
N LEU A 90 19.86 22.64 -2.18
CA LEU A 90 18.45 22.52 -2.47
C LEU A 90 17.87 23.87 -2.89
N ILE A 91 18.33 24.91 -2.20
CA ILE A 91 17.89 26.25 -2.53
C ILE A 91 18.29 26.65 -3.97
N GLN A 92 19.54 26.30 -4.32
CA GLN A 92 20.09 26.57 -5.63
C GLN A 92 19.31 25.84 -6.71
N LEU A 93 19.15 24.55 -6.49
CA LEU A 93 18.43 23.72 -7.43
C LEU A 93 17.02 24.21 -7.64
N GLU A 94 16.43 24.68 -6.56
CA GLU A 94 15.06 25.17 -6.64
C GLU A 94 15.00 26.40 -7.53
N GLU A 95 15.99 27.24 -7.33
CA GLU A 95 16.06 28.43 -8.16
C GLU A 95 16.22 28.03 -9.63
N GLU A 96 17.04 26.98 -9.86
CA GLU A 96 17.30 26.46 -11.21
C GLU A 96 16.09 25.74 -11.83
N GLY A 97 14.94 25.72 -11.10
CA GLY A 97 13.71 25.07 -11.59
C GLY A 97 13.22 23.75 -10.92
N LEU A 98 13.99 23.21 -9.94
CA LEU A 98 13.57 21.96 -9.29
C LEU A 98 12.52 22.22 -8.22
N ASN A 99 11.51 21.33 -8.20
CA ASN A 99 10.48 21.42 -7.20
C ASN A 99 10.95 20.61 -6.00
N VAL A 100 11.33 21.33 -4.94
CA VAL A 100 11.77 20.74 -3.70
C VAL A 100 10.56 20.67 -2.79
N VAL A 101 10.23 19.50 -2.27
CA VAL A 101 9.04 19.39 -1.43
C VAL A 101 9.35 19.54 0.08
N PRO A 102 8.58 20.37 0.82
CA PRO A 102 7.49 21.23 0.32
C PRO A 102 8.03 22.49 -0.41
N CYS A 103 9.21 22.95 0.03
CA CYS A 103 9.96 24.05 -0.56
C CYS A 103 11.36 24.02 0.08
N ALA A 104 12.39 24.55 -0.62
CA ALA A 104 13.77 24.56 -0.12
C ALA A 104 13.91 25.34 1.18
N ARG A 105 13.17 26.45 1.27
CA ARG A 105 13.22 27.26 2.50
C ARG A 105 12.74 26.46 3.70
N ALA A 106 11.66 25.69 3.52
CA ALA A 106 11.14 24.88 4.63
C ALA A 106 12.20 23.89 5.07
N THR A 107 12.95 23.39 4.10
CA THR A 107 14.00 22.45 4.47
C THR A 107 15.19 23.15 5.15
N LYS A 108 15.51 24.37 4.69
CA LYS A 108 16.63 25.08 5.29
C LYS A 108 16.31 25.43 6.75
N LEU A 109 15.12 25.97 6.97
CA LEU A 109 14.69 26.38 8.32
C LEU A 109 14.66 25.26 9.35
N THR A 110 14.25 24.07 8.90
CA THR A 110 14.13 22.96 9.83
C THR A 110 15.32 22.02 9.92
N MET A 111 16.39 22.25 9.18
CA MET A 111 17.43 21.28 9.37
C MET A 111 18.20 21.48 10.65
N ASN A 112 18.06 22.66 11.23
CA ASN A 112 18.68 22.97 12.51
C ASN A 112 17.66 23.70 13.39
N ARG A 113 17.75 23.49 14.69
CA ARG A 113 16.78 24.08 15.58
C ARG A 113 16.69 25.59 15.61
N GLU A 114 17.82 26.23 15.32
CA GLU A 114 17.85 27.67 15.37
C GLU A 114 16.93 28.33 14.34
N GLY A 115 16.97 27.82 13.13
CA GLY A 115 16.14 28.39 12.09
C GLY A 115 14.66 28.31 12.45
N ILE A 116 14.18 27.11 12.73
CA ILE A 116 12.79 26.91 13.06
C ILE A 116 12.35 27.52 14.38
N ARG A 117 13.15 27.37 15.43
CA ARG A 117 12.73 27.95 16.71
C ARG A 117 12.59 29.47 16.66
N ARG A 118 13.56 30.15 16.07
CA ARG A 118 13.52 31.59 15.99
C ARG A 118 12.39 32.03 15.11
N LEU A 119 12.11 31.31 14.03
CA LEU A 119 10.99 31.67 13.18
C LEU A 119 9.70 31.57 13.98
N ALA A 120 9.49 30.41 14.59
CA ALA A 120 8.25 30.21 15.31
C ALA A 120 8.02 31.21 16.44
N ALA A 121 9.03 31.30 17.30
CA ALA A 121 8.93 32.12 18.48
C ALA A 121 9.07 33.59 18.28
N GLU A 122 10.04 33.98 17.47
CA GLU A 122 10.32 35.38 17.20
C GLU A 122 9.48 36.00 16.07
N GLU A 123 9.50 35.39 14.90
CA GLU A 123 8.76 35.93 13.77
C GLU A 123 7.25 35.69 13.81
N LEU A 124 6.82 34.45 14.09
CA LEU A 124 5.40 34.13 14.11
C LEU A 124 4.73 34.35 15.43
N GLN A 125 5.55 34.59 16.46
CA GLN A 125 5.04 34.80 17.80
C GLN A 125 4.16 33.70 18.34
N LEU A 126 4.55 32.45 18.05
CA LEU A 126 3.86 31.27 18.55
C LEU A 126 4.41 30.96 19.96
N PRO A 127 3.59 30.36 20.82
CA PRO A 127 4.04 30.00 22.17
C PRO A 127 4.99 28.80 22.07
N THR A 128 6.14 28.90 22.75
CA THR A 128 7.15 27.84 22.77
C THR A 128 7.76 27.78 24.14
N SER A 129 8.54 26.75 24.41
CA SER A 129 9.25 26.72 25.68
C SER A 129 10.23 27.91 25.68
N THR A 130 10.82 28.21 26.81
CA THR A 130 11.85 29.23 26.83
C THR A 130 13.06 28.54 26.21
N TYR A 131 14.01 29.30 25.68
CA TYR A 131 15.16 28.66 25.09
C TYR A 131 16.32 29.63 25.01
N ARG A 132 17.53 29.09 24.90
CA ARG A 132 18.74 29.88 24.71
C ARG A 132 19.68 29.00 23.91
N PHE A 133 20.39 29.59 22.94
CA PHE A 133 21.34 28.84 22.14
C PHE A 133 22.71 29.04 22.74
N ALA A 134 23.63 28.07 22.55
CA ALA A 134 24.99 28.20 23.06
C ALA A 134 25.98 27.54 22.16
N ASP A 135 27.12 28.20 21.98
CA ASP A 135 28.16 27.63 21.14
C ASP A 135 29.49 27.31 21.83
N SER A 136 29.48 27.39 23.16
CA SER A 136 30.64 27.08 23.96
C SER A 136 30.15 26.51 25.29
N GLU A 137 31.00 25.76 25.98
CA GLU A 137 30.63 25.19 27.26
C GLU A 137 30.28 26.30 28.22
N SER A 138 31.08 27.35 28.19
CA SER A 138 30.82 28.47 29.07
C SER A 138 29.50 29.15 28.79
N LEU A 139 29.23 29.34 27.51
CA LEU A 139 27.99 30.00 27.16
C LEU A 139 26.85 29.06 27.48
N PHE A 140 27.17 27.78 27.38
CA PHE A 140 26.23 26.72 27.70
C PHE A 140 25.84 26.84 29.19
N ARG A 141 26.82 26.96 30.07
CA ARG A 141 26.54 27.12 31.49
C ARG A 141 25.74 28.38 31.80
N GLU A 142 26.08 29.49 31.11
CA GLU A 142 25.36 30.75 31.28
C GLU A 142 23.91 30.57 30.88
N ALA A 143 23.66 29.87 29.78
CA ALA A 143 22.29 29.66 29.34
C ALA A 143 21.49 28.87 30.38
N VAL A 144 22.07 27.80 30.91
CA VAL A 144 21.37 27.01 31.90
C VAL A 144 21.02 27.85 33.12
N ALA A 145 21.98 28.66 33.58
CA ALA A 145 21.70 29.47 34.75
C ALA A 145 20.53 30.40 34.48
N ASP A 146 20.48 30.97 33.29
CA ASP A 146 19.41 31.88 32.96
C ASP A 146 18.05 31.16 32.77
N ILE A 147 18.06 30.01 32.11
CA ILE A 147 16.84 29.25 31.83
C ILE A 147 16.33 28.65 33.13
N GLY A 148 17.24 28.10 33.92
CA GLY A 148 16.84 27.46 35.17
C GLY A 148 16.68 25.95 35.04
N TYR A 149 16.53 25.27 36.20
CA TYR A 149 16.35 23.83 36.30
C TYR A 149 14.92 23.48 36.60
N PRO A 150 14.44 22.40 36.00
CA PRO A 150 15.21 21.59 35.08
C PRO A 150 15.14 22.17 33.69
N CYS A 151 16.04 21.72 32.83
CA CYS A 151 16.06 22.14 31.43
C CYS A 151 16.56 20.98 30.58
N ILE A 152 16.42 21.11 29.26
CA ILE A 152 16.86 20.08 28.35
C ILE A 152 17.85 20.68 27.37
N VAL A 153 18.99 20.03 27.23
CA VAL A 153 19.99 20.48 26.26
C VAL A 153 19.91 19.53 25.07
N LYS A 154 20.02 20.10 23.85
CA LYS A 154 20.00 19.28 22.63
C LYS A 154 20.91 19.89 21.58
N PRO A 155 21.57 19.03 20.80
CA PRO A 155 22.38 19.52 19.69
C PRO A 155 21.40 20.30 18.77
N VAL A 156 21.85 21.34 18.06
CA VAL A 156 20.95 22.09 17.14
C VAL A 156 20.58 21.28 15.89
N MET A 157 21.45 20.29 15.56
CA MET A 157 21.16 19.40 14.45
C MET A 157 21.09 17.98 14.94
N SER A 158 19.89 17.46 15.23
CA SER A 158 19.81 16.10 15.72
C SER A 158 18.38 15.65 15.64
N SER A 159 18.16 14.33 15.80
CA SER A 159 16.83 13.76 15.82
C SER A 159 16.79 12.56 16.75
N SER A 160 15.61 11.94 16.89
CA SER A 160 15.40 10.76 17.71
C SER A 160 15.90 10.86 19.16
N GLY A 161 16.05 12.09 19.64
CA GLY A 161 16.49 12.30 21.01
C GLY A 161 17.99 12.18 21.21
N LYS A 162 18.74 12.04 20.13
CA LYS A 162 20.19 11.91 20.24
C LYS A 162 20.91 13.11 20.86
N GLY A 163 21.89 12.83 21.74
CA GLY A 163 22.73 13.85 22.39
C GLY A 163 22.00 14.76 23.39
N GLN A 164 20.78 14.38 23.76
CA GLN A 164 19.99 15.18 24.66
C GLN A 164 20.07 14.71 26.11
N THR A 165 20.00 15.66 27.04
CA THR A 165 20.03 15.39 28.45
C THR A 165 19.02 16.23 29.18
N PHE A 166 18.28 15.55 30.03
CA PHE A 166 17.32 16.22 30.84
C PHE A 166 18.07 16.65 32.08
N ILE A 167 18.38 17.96 32.15
CA ILE A 167 19.18 18.49 33.24
C ILE A 167 18.42 18.92 34.50
N ARG A 168 18.68 18.20 35.59
CA ARG A 168 18.05 18.49 36.87
C ARG A 168 18.86 19.36 37.83
N SER A 169 20.19 19.36 37.66
CA SER A 169 21.08 20.15 38.50
C SER A 169 22.46 20.31 37.90
N ALA A 170 23.19 21.28 38.46
CA ALA A 170 24.55 21.62 38.03
C ALA A 170 25.54 20.44 37.97
N GLU A 171 25.24 19.40 38.70
CA GLU A 171 26.08 18.22 38.72
C GLU A 171 26.21 17.63 37.33
N GLN A 172 25.12 17.69 36.54
CA GLN A 172 25.12 17.11 35.20
C GLN A 172 25.68 18.01 34.13
N LEU A 173 26.07 19.23 34.48
CA LEU A 173 26.56 20.13 33.47
C LEU A 173 27.63 19.61 32.57
N ALA A 174 28.66 19.05 33.20
CA ALA A 174 29.78 18.56 32.40
C ALA A 174 29.45 17.42 31.47
N GLN A 175 28.75 16.45 32.00
CA GLN A 175 28.38 15.33 31.18
C GLN A 175 27.36 15.75 30.12
N ALA A 176 26.42 16.62 30.49
CA ALA A 176 25.43 17.04 29.47
C ALA A 176 26.07 17.66 28.24
N TRP A 177 27.08 18.50 28.49
CA TRP A 177 27.80 19.18 27.44
C TRP A 177 28.53 18.18 26.57
N LYS A 178 29.30 17.31 27.21
CA LYS A 178 30.04 16.32 26.47
C LYS A 178 29.10 15.58 25.52
N TYR A 179 28.13 14.94 26.14
CA TYR A 179 27.13 14.17 25.45
C TYR A 179 26.45 14.87 24.26
N ALA A 180 26.24 16.18 24.42
CA ALA A 180 25.63 17.01 23.41
C ALA A 180 26.58 17.28 22.27
N GLN A 181 27.86 17.36 22.61
CA GLN A 181 28.92 17.61 21.65
C GLN A 181 29.07 16.39 20.77
N GLN A 182 28.76 15.25 21.39
CA GLN A 182 28.83 13.98 20.71
C GLN A 182 27.75 13.83 19.64
N GLY A 183 26.76 14.74 19.67
CA GLY A 183 25.65 14.76 18.71
C GLY A 183 25.78 15.94 17.74
N GLY A 189 28.58 21.00 17.98
CA GLY A 189 29.01 22.35 18.30
C GLY A 189 28.00 23.22 19.08
N ARG A 190 26.99 23.72 18.38
CA ARG A 190 25.97 24.57 18.96
C ARG A 190 24.87 23.74 19.58
N VAL A 191 24.30 24.25 20.66
CA VAL A 191 23.24 23.55 21.31
C VAL A 191 22.10 24.52 21.63
N ILE A 192 20.94 23.92 21.94
CA ILE A 192 19.79 24.66 22.41
C ILE A 192 19.60 24.20 23.87
N VAL A 193 19.24 25.14 24.73
CA VAL A 193 18.91 24.89 26.12
C VAL A 193 17.47 25.33 26.25
N GLU A 194 16.56 24.37 26.47
CA GLU A 194 15.15 24.70 26.59
C GLU A 194 14.59 24.53 28.01
N GLY A 195 13.67 25.40 28.39
CA GLY A 195 13.00 25.24 29.69
C GLY A 195 12.03 24.05 29.54
N VAL A 196 11.77 23.33 30.65
CA VAL A 196 10.88 22.17 30.61
C VAL A 196 9.42 22.55 30.60
N VAL A 197 8.70 22.12 29.58
CA VAL A 197 7.30 22.43 29.53
C VAL A 197 6.57 21.32 30.28
N LYS A 198 5.69 21.65 31.21
CA LYS A 198 4.99 20.56 31.82
C LYS A 198 3.60 20.44 31.22
N PHE A 199 3.57 19.61 30.20
CA PHE A 199 2.35 19.41 29.47
C PHE A 199 1.52 18.28 30.07
N ASP A 200 0.25 18.29 29.73
CA ASP A 200 -0.61 17.22 30.17
C ASP A 200 -0.30 16.03 29.27
N PHE A 201 -0.05 16.32 27.99
CA PHE A 201 0.27 15.32 26.98
C PHE A 201 0.81 16.04 25.75
N GLU A 202 1.46 15.28 24.83
CA GLU A 202 1.96 15.82 23.59
C GLU A 202 1.20 15.20 22.42
N ILE A 203 1.20 15.91 21.29
CA ILE A 203 0.56 15.41 20.09
C ILE A 203 1.36 15.81 18.89
N THR A 204 1.01 15.14 17.81
CA THR A 204 1.53 15.44 16.50
C THR A 204 0.28 15.79 15.71
N LEU A 205 0.25 17.01 15.18
CA LEU A 205 -0.90 17.39 14.39
C LEU A 205 -0.46 17.35 12.91
N LEU A 206 -0.85 16.28 12.21
CA LEU A 206 -0.50 16.07 10.79
C LEU A 206 -1.35 17.02 9.94
N THR A 207 -0.66 18.01 9.38
CA THR A 207 -1.25 19.11 8.65
C THR A 207 -0.82 19.12 7.19
N VAL A 208 -1.82 19.13 6.29
CA VAL A 208 -1.55 19.10 4.88
C VAL A 208 -1.87 20.43 4.22
N SER A 209 -0.89 21.01 3.56
CA SER A 209 -1.06 22.24 2.83
C SER A 209 -1.16 21.77 1.38
N ALA A 210 -2.30 22.09 0.75
CA ALA A 210 -2.57 21.66 -0.62
C ALA A 210 -3.22 22.76 -1.46
N VAL A 211 -3.41 22.42 -2.74
CA VAL A 211 -3.99 23.38 -3.66
C VAL A 211 -5.34 23.83 -3.14
N ASP A 212 -6.04 22.96 -2.43
CA ASP A 212 -7.34 23.32 -1.91
C ASP A 212 -7.33 23.74 -0.44
N GLY A 213 -6.18 24.23 0.05
CA GLY A 213 -6.11 24.67 1.43
C GLY A 213 -5.36 23.76 2.37
N VAL A 214 -5.51 24.13 3.65
CA VAL A 214 -4.86 23.45 4.77
C VAL A 214 -5.82 22.50 5.45
N HIS A 215 -5.44 21.22 5.53
CA HIS A 215 -6.31 20.21 6.12
C HIS A 215 -5.64 19.60 7.35
N PHE A 216 -6.43 19.09 8.29
CA PHE A 216 -5.83 18.48 9.48
C PHE A 216 -6.29 17.06 9.70
N CYS A 217 -5.34 16.18 10.09
CA CYS A 217 -5.72 14.84 10.45
C CYS A 217 -6.10 14.93 11.93
N ALA A 218 -6.87 13.96 12.42
CA ALA A 218 -7.19 13.97 13.83
C ALA A 218 -5.86 13.89 14.64
N PRO A 219 -5.80 14.58 15.79
CA PRO A 219 -4.59 14.60 16.62
C PRO A 219 -4.09 13.22 16.98
N VAL A 220 -2.77 13.08 16.90
CA VAL A 220 -2.06 11.84 17.21
C VAL A 220 -1.28 12.04 18.54
N GLY A 221 -1.54 11.18 19.53
CA GLY A 221 -0.81 11.24 20.83
C GLY A 221 0.33 10.22 20.72
N HIS A 222 1.36 10.35 21.56
CA HIS A 222 2.47 9.42 21.53
C HIS A 222 3.23 9.36 22.85
N ARG A 223 3.93 8.24 23.04
CA ARG A 223 4.78 7.97 24.19
C ARG A 223 6.23 7.94 23.72
N GLN A 224 7.09 8.71 24.41
CA GLN A 224 8.51 8.80 24.09
C GLN A 224 9.33 8.01 25.12
N GLU A 225 10.45 7.51 24.71
CA GLU A 225 11.31 6.80 25.63
C GLU A 225 12.71 7.12 25.20
N ASP A 226 13.45 7.78 26.06
CA ASP A 226 14.81 8.14 25.68
C ASP A 226 14.69 9.11 24.49
N GLY A 227 13.67 9.99 24.65
CA GLY A 227 13.29 11.04 23.71
C GLY A 227 12.97 10.57 22.29
N ASP A 228 12.71 9.26 22.16
CA ASP A 228 12.35 8.59 20.89
C ASP A 228 10.93 7.98 20.98
N TYR A 229 10.16 8.04 19.89
CA TYR A 229 8.80 7.52 19.91
C TYR A 229 8.75 6.00 20.07
N ARG A 230 7.81 5.55 20.90
CA ARG A 230 7.60 4.14 21.19
C ARG A 230 6.22 3.67 20.71
N GLU A 231 5.20 4.43 21.11
CA GLU A 231 3.85 4.14 20.70
C GLU A 231 3.20 5.45 20.28
N SER A 232 2.19 5.36 19.40
CA SER A 232 1.39 6.50 18.95
C SER A 232 -0.04 6.02 18.81
N TRP A 233 -0.99 6.95 18.90
CA TRP A 233 -2.39 6.58 18.78
C TRP A 233 -3.24 7.72 18.23
N GLN A 234 -4.43 7.39 17.74
CA GLN A 234 -5.30 8.41 17.20
C GLN A 234 -6.74 7.93 17.31
N PRO A 235 -7.67 8.82 17.63
CA PRO A 235 -7.40 10.21 17.97
C PRO A 235 -7.01 10.38 19.44
N GLN A 236 -6.22 11.43 19.73
CA GLN A 236 -5.87 11.80 21.09
C GLN A 236 -7.01 12.76 21.56
N GLN A 237 -7.69 12.48 22.68
CA GLN A 237 -8.73 13.37 23.18
C GLN A 237 -8.13 14.72 23.60
N MET A 238 -8.79 15.80 23.18
CA MET A 238 -8.37 17.14 23.52
C MET A 238 -9.61 18.03 23.55
N SER A 239 -9.57 19.11 24.31
CA SER A 239 -10.75 19.99 24.33
C SER A 239 -10.97 20.70 23.01
N PRO A 240 -12.18 21.20 22.78
CA PRO A 240 -12.45 21.89 21.54
C PRO A 240 -11.57 23.14 21.38
N LEU A 241 -11.35 23.81 22.50
CA LEU A 241 -10.54 25.00 22.50
C LEU A 241 -9.10 24.69 22.19
N ALA A 242 -8.57 23.63 22.80
CA ALA A 242 -7.19 23.23 22.56
C ALA A 242 -7.03 22.82 21.09
N LEU A 243 -8.01 22.08 20.55
CA LEU A 243 -7.92 21.64 19.15
C LEU A 243 -7.83 22.82 18.20
N GLU A 244 -8.71 23.80 18.46
CA GLU A 244 -8.76 24.97 17.63
C GLU A 244 -7.44 25.76 17.69
N ARG A 245 -6.92 25.93 18.90
CA ARG A 245 -5.67 26.65 19.06
C ARG A 245 -4.54 25.86 18.41
N ALA A 246 -4.60 24.53 18.51
CA ALA A 246 -3.58 23.67 17.90
C ALA A 246 -3.63 23.83 16.38
N GLN A 247 -4.86 23.86 15.84
CA GLN A 247 -5.00 24.01 14.39
C GLN A 247 -4.48 25.38 13.89
N GLU A 248 -4.76 26.46 14.67
CA GLU A 248 -4.32 27.81 14.29
C GLU A 248 -2.81 27.84 14.24
N ILE A 249 -2.19 27.25 15.28
CA ILE A 249 -0.74 27.19 15.31
C ILE A 249 -0.20 26.43 14.10
N ALA A 250 -0.73 25.24 13.88
CA ALA A 250 -0.26 24.43 12.78
C ALA A 250 -0.41 25.10 11.43
N ARG A 251 -1.56 25.75 11.24
CA ARG A 251 -1.83 26.44 9.98
C ARG A 251 -0.76 27.50 9.75
N LYS A 252 -0.49 28.32 10.80
CA LYS A 252 0.53 29.36 10.68
C LYS A 252 1.91 28.84 10.33
N VAL A 253 2.30 27.76 11.01
CA VAL A 253 3.61 27.20 10.78
C VAL A 253 3.75 26.71 9.35
N VAL A 254 2.80 25.91 8.90
CA VAL A 254 2.92 25.40 7.55
C VAL A 254 2.93 26.47 6.48
N LEU A 255 2.07 27.46 6.63
CA LEU A 255 2.04 28.50 5.61
C LEU A 255 3.30 29.31 5.66
N ALA A 256 3.83 29.51 6.87
CA ALA A 256 5.07 30.27 6.97
C ALA A 256 6.23 29.52 6.31
N LEU A 257 6.28 28.22 6.55
CA LEU A 257 7.34 27.41 5.95
C LEU A 257 7.21 27.36 4.42
N GLY A 258 5.97 27.24 3.95
CA GLY A 258 5.62 27.25 2.54
C GLY A 258 5.66 25.94 1.80
N GLY A 259 4.93 25.94 0.65
CA GLY A 259 4.81 24.81 -0.30
C GLY A 259 3.81 23.72 0.10
N TYR A 260 3.46 22.90 -0.89
CA TYR A 260 2.52 21.79 -0.65
C TYR A 260 3.19 20.53 -0.09
N GLY A 261 2.48 19.86 0.82
CA GLY A 261 2.96 18.61 1.43
C GLY A 261 2.31 18.42 2.79
N LEU A 262 2.67 17.32 3.43
CA LEU A 262 2.17 17.06 4.79
C LEU A 262 3.28 17.35 5.77
N PHE A 263 2.91 18.03 6.85
CA PHE A 263 3.85 18.39 7.87
C PHE A 263 3.44 17.78 9.18
N GLY A 264 4.41 17.40 10.00
CA GLY A 264 4.11 16.82 11.34
C GLY A 264 4.41 17.86 12.40
N VAL A 265 3.37 18.57 12.85
CA VAL A 265 3.51 19.64 13.84
C VAL A 265 3.48 19.10 15.29
N GLU A 266 4.63 19.16 15.95
CA GLU A 266 4.75 18.67 17.35
C GLU A 266 4.30 19.75 18.32
N LEU A 267 3.32 19.40 19.16
CA LEU A 267 2.74 20.34 20.12
C LEU A 267 2.62 19.77 21.51
N PHE A 268 2.63 20.64 22.52
CA PHE A 268 2.46 20.22 23.89
C PHE A 268 1.12 20.78 24.31
N VAL A 269 0.30 19.98 25.00
CA VAL A 269 -1.01 20.45 25.43
C VAL A 269 -1.10 20.55 26.94
N CYS A 270 -1.54 21.72 27.37
CA CYS A 270 -1.69 22.06 28.80
C CYS A 270 -3.15 22.49 29.04
N GLY A 271 -4.05 21.51 29.22
CA GLY A 271 -5.45 21.82 29.38
C GLY A 271 -5.96 22.40 28.06
N ASP A 272 -6.28 23.69 28.04
CA ASP A 272 -6.75 24.29 26.82
C ASP A 272 -5.70 25.07 26.08
N GLU A 273 -4.48 25.10 26.63
CA GLU A 273 -3.37 25.82 26.03
C GLU A 273 -2.48 24.89 25.24
N VAL A 274 -1.91 25.42 24.18
CA VAL A 274 -1.05 24.64 23.30
C VAL A 274 0.30 25.35 23.06
N ILE A 275 1.38 24.57 23.08
CA ILE A 275 2.70 25.14 22.89
C ILE A 275 3.39 24.44 21.76
N PHE A 276 4.03 25.21 20.90
CA PHE A 276 4.73 24.66 19.73
C PHE A 276 6.09 24.10 20.12
N SER A 277 6.45 22.91 19.60
CA SER A 277 7.74 22.30 19.90
C SER A 277 8.66 22.32 18.67
N GLU A 278 8.29 21.59 17.62
CA GLU A 278 9.09 21.53 16.40
C GLU A 278 8.20 21.01 15.29
N VAL A 279 8.69 20.87 14.06
CA VAL A 279 7.86 20.40 12.95
C VAL A 279 8.65 19.68 11.86
N SER A 280 8.10 18.55 11.37
CA SER A 280 8.76 17.86 10.26
C SER A 280 8.08 18.38 8.98
N PRO A 281 8.82 18.90 8.02
CA PRO A 281 8.15 19.43 6.81
C PRO A 281 7.99 18.24 5.87
N ARG A 282 7.33 17.21 6.38
CA ARG A 282 7.15 15.95 5.70
C ARG A 282 6.45 15.00 6.68
N PRO A 283 6.14 13.76 6.21
CA PRO A 283 5.54 12.75 7.09
C PRO A 283 6.43 12.55 8.32
N HIS A 284 5.76 12.28 9.44
CA HIS A 284 6.30 12.11 10.77
C HIS A 284 6.25 10.66 11.26
N ASP A 285 7.28 10.24 12.01
CA ASP A 285 7.29 8.87 12.46
C ASP A 285 6.04 8.46 13.26
N THR A 286 5.58 9.35 14.16
CA THR A 286 4.40 9.01 14.95
C THR A 286 3.16 8.82 14.07
N GLY A 287 3.21 9.39 12.87
CA GLY A 287 2.10 9.32 11.94
C GLY A 287 1.95 7.98 11.26
N MET A 288 2.83 7.03 11.56
CA MET A 288 2.69 5.70 10.98
C MET A 288 1.37 5.06 11.40
N VAL A 289 0.76 5.55 12.48
CA VAL A 289 -0.50 4.99 12.90
C VAL A 289 -1.53 5.14 11.77
N THR A 290 -1.36 6.15 10.93
CA THR A 290 -2.25 6.45 9.81
C THR A 290 -2.25 5.38 8.70
N LEU A 291 -1.29 4.42 8.80
CA LEU A 291 -1.22 3.30 7.90
C LEU A 291 -2.41 2.39 8.15
N ILE A 292 -3.01 2.46 9.34
CA ILE A 292 -4.17 1.62 9.61
C ILE A 292 -5.41 2.49 9.93
N SER A 293 -5.15 3.68 10.43
CA SER A 293 -6.24 4.53 10.92
C SER A 293 -6.95 5.48 9.97
N GLN A 294 -6.45 5.64 8.74
CA GLN A 294 -7.10 6.56 7.78
C GLN A 294 -7.26 5.93 6.41
N ASP A 295 -8.16 6.52 5.61
CA ASP A 295 -8.35 6.06 4.26
C ASP A 295 -7.09 6.39 3.48
N LEU A 296 -6.59 7.60 3.71
CA LEU A 296 -5.36 8.09 3.08
C LEU A 296 -4.30 8.21 4.15
N SER A 297 -3.22 7.43 4.04
CA SER A 297 -2.17 7.51 5.07
C SER A 297 -1.44 8.85 4.98
N GLU A 298 -0.61 9.17 5.98
CA GLU A 298 0.09 10.45 5.89
C GLU A 298 0.95 10.50 4.64
N PHE A 299 1.39 9.31 4.19
CA PHE A 299 2.22 9.16 2.97
C PHE A 299 1.44 9.46 1.70
N ALA A 300 0.22 8.91 1.63
CA ALA A 300 -0.62 9.12 0.51
C ALA A 300 -0.98 10.60 0.43
N LEU A 301 -1.22 11.19 1.61
CA LEU A 301 -1.57 12.61 1.67
C LEU A 301 -0.42 13.54 1.23
N HIS A 302 0.80 13.20 1.62
CA HIS A 302 1.95 14.02 1.27
C HIS A 302 2.07 14.03 -0.29
N VAL A 303 2.00 12.82 -0.92
CA VAL A 303 2.07 12.60 -2.38
C VAL A 303 0.96 13.39 -3.07
N ARG A 304 -0.26 13.24 -2.58
CA ARG A 304 -1.40 13.94 -3.15
C ARG A 304 -1.16 15.43 -3.19
N ALA A 305 -0.76 15.96 -2.04
CA ALA A 305 -0.48 17.41 -1.94
C ALA A 305 0.69 17.90 -2.80
N PHE A 306 1.85 17.26 -2.70
CA PHE A 306 2.96 17.78 -3.49
C PHE A 306 2.75 17.70 -5.00
N LEU A 307 1.93 16.77 -5.49
CA LEU A 307 1.61 16.61 -6.95
C LEU A 307 0.67 17.73 -7.43
N GLY A 308 0.15 18.49 -6.47
CA GLY A 308 -0.77 19.60 -6.78
C GLY A 308 -2.23 19.21 -6.82
N LEU A 309 -2.54 18.03 -6.32
CA LEU A 309 -3.92 17.56 -6.30
C LEU A 309 -4.64 18.05 -5.03
N PRO A 310 -5.96 18.27 -5.10
CA PRO A 310 -6.70 18.68 -3.91
C PRO A 310 -6.88 17.50 -2.95
N VAL A 311 -6.78 17.81 -1.64
CA VAL A 311 -6.97 16.75 -0.66
C VAL A 311 -8.42 16.35 -0.56
N GLY A 312 -9.28 17.37 -0.52
CA GLY A 312 -10.70 17.06 -0.42
C GLY A 312 -11.11 16.78 1.03
N GLY A 313 -10.64 15.68 1.58
CA GLY A 313 -10.97 15.33 2.96
C GLY A 313 -10.22 14.08 3.35
N ILE A 314 -10.23 13.80 4.65
CA ILE A 314 -9.54 12.66 5.25
C ILE A 314 -10.47 11.90 6.18
N ARG A 315 -10.56 10.61 5.96
CA ARG A 315 -11.40 9.79 6.82
C ARG A 315 -10.56 9.10 7.91
N GLN A 316 -11.07 9.12 9.15
CA GLN A 316 -10.46 8.51 10.33
C GLN A 316 -11.39 7.34 10.71
N TYR A 317 -10.86 6.14 10.78
CA TYR A 317 -11.67 4.94 11.01
C TYR A 317 -12.04 4.59 12.44
N GLY A 318 -11.57 5.34 13.43
CA GLY A 318 -11.82 5.05 14.84
C GLY A 318 -10.49 4.84 15.61
N PRO A 319 -10.57 4.52 16.89
CA PRO A 319 -9.36 4.34 17.70
C PRO A 319 -8.30 3.35 17.15
N ALA A 320 -7.06 3.84 17.09
CA ALA A 320 -5.95 3.06 16.56
C ALA A 320 -4.63 3.45 17.21
N ALA A 321 -3.64 2.58 17.05
CA ALA A 321 -2.32 2.85 17.62
C ALA A 321 -1.23 2.17 16.84
N SER A 322 -0.01 2.64 17.02
CA SER A 322 1.16 2.03 16.44
C SER A 322 2.11 1.72 17.60
N ALA A 323 3.00 0.72 17.45
CA ALA A 323 4.00 0.39 18.46
C ALA A 323 5.25 -0.02 17.70
N VAL A 324 6.40 0.63 17.97
CA VAL A 324 7.60 0.27 17.23
C VAL A 324 8.18 -1.11 17.55
N ILE A 325 8.86 -1.68 16.53
CA ILE A 325 9.62 -2.94 16.62
C ILE A 325 11.06 -2.43 16.61
N LEU A 326 11.59 -2.28 17.83
CA LEU A 326 12.92 -1.70 18.00
C LEU A 326 13.86 -2.55 18.84
N PRO A 327 14.43 -3.58 18.18
CA PRO A 327 15.34 -4.52 18.82
C PRO A 327 16.73 -3.92 19.03
N GLN A 328 17.54 -4.73 19.72
CA GLN A 328 18.91 -4.36 19.98
C GLN A 328 19.80 -5.54 19.73
N LEU A 329 20.60 -5.45 18.70
CA LEU A 329 21.48 -6.53 18.36
C LEU A 329 22.37 -6.10 17.22
N THR A 330 23.26 -6.98 16.83
CA THR A 330 24.18 -6.71 15.73
C THR A 330 24.05 -7.86 14.80
N SER A 331 23.65 -7.55 13.57
CA SER A 331 23.45 -8.58 12.58
C SER A 331 23.30 -7.95 11.22
N GLN A 332 23.62 -8.74 10.19
CA GLN A 332 23.48 -8.35 8.81
C GLN A 332 22.55 -9.34 8.15
N ASN A 333 21.80 -10.09 8.99
CA ASN A 333 20.90 -11.10 8.48
C ASN A 333 19.78 -11.35 9.48
N VAL A 334 19.02 -10.28 9.75
CA VAL A 334 17.91 -10.29 10.70
C VAL A 334 16.72 -11.14 10.26
N THR A 335 16.14 -11.86 11.20
CA THR A 335 14.96 -12.69 10.99
C THR A 335 13.90 -12.34 12.02
N PHE A 336 12.66 -12.62 11.65
CA PHE A 336 11.51 -12.33 12.47
C PHE A 336 10.64 -13.56 12.63
N ASP A 337 10.57 -14.08 13.87
CA ASP A 337 9.78 -15.27 14.07
C ASP A 337 8.55 -14.96 14.90
N ASN A 338 7.68 -15.97 15.02
CA ASN A 338 6.47 -15.81 15.82
C ASN A 338 5.52 -14.78 15.22
N VAL A 339 5.65 -14.58 13.92
CA VAL A 339 4.81 -13.63 13.21
C VAL A 339 3.33 -13.97 13.31
N GLN A 340 3.03 -15.26 13.44
CA GLN A 340 1.64 -15.73 13.56
C GLN A 340 0.92 -15.19 14.80
N ASN A 341 1.73 -14.71 15.74
CA ASN A 341 1.22 -14.15 16.97
C ASN A 341 1.34 -12.65 17.03
N ALA A 342 1.66 -12.02 15.88
CA ALA A 342 1.79 -10.57 15.82
C ALA A 342 0.76 -9.93 14.87
N VAL A 343 -0.03 -10.74 14.20
CA VAL A 343 -1.05 -10.23 13.31
C VAL A 343 -2.34 -10.97 13.59
N GLY A 344 -3.46 -10.45 13.13
CA GLY A 344 -4.75 -11.12 13.35
C GLY A 344 -5.88 -10.13 13.18
N ALA A 345 -7.02 -10.36 13.84
CA ALA A 345 -8.12 -9.41 13.70
C ALA A 345 -7.70 -8.05 14.25
N ASP A 346 -7.88 -7.00 13.43
CA ASP A 346 -7.57 -5.61 13.76
C ASP A 346 -6.15 -5.41 14.20
N LEU A 347 -5.25 -6.18 13.61
CA LEU A 347 -3.85 -6.20 13.96
C LEU A 347 -2.98 -6.57 12.79
N GLN A 348 -1.96 -5.71 12.52
CA GLN A 348 -1.02 -5.87 11.41
C GLN A 348 0.38 -5.46 11.81
N ILE A 349 1.33 -5.83 10.97
CA ILE A 349 2.68 -5.40 11.18
C ILE A 349 3.27 -4.96 9.83
N ARG A 350 4.37 -4.19 9.91
CA ARG A 350 5.19 -3.76 8.78
C ARG A 350 6.63 -4.08 9.16
N LEU A 351 7.40 -4.71 8.25
CA LEU A 351 8.82 -5.04 8.44
C LEU A 351 9.52 -4.27 7.33
N PHE A 352 10.38 -3.35 7.72
CA PHE A 352 11.01 -2.44 6.78
C PHE A 352 11.99 -2.89 5.67
N GLY A 353 12.67 -4.04 5.88
CA GLY A 353 13.66 -4.52 4.93
C GLY A 353 15.08 -3.93 5.19
N LYS A 354 15.33 -3.32 6.37
CA LYS A 354 16.66 -2.75 6.66
C LYS A 354 17.66 -3.89 6.64
N PRO A 355 18.79 -3.67 5.93
CA PRO A 355 19.81 -4.70 5.72
C PRO A 355 20.61 -5.12 6.93
N GLU A 356 20.72 -4.24 7.90
CA GLU A 356 21.49 -4.58 9.08
C GLU A 356 21.22 -3.72 10.32
N ILE A 357 21.78 -4.16 11.44
CA ILE A 357 21.61 -3.44 12.68
C ILE A 357 22.88 -3.64 13.52
N ASP A 358 23.21 -2.66 14.32
CA ASP A 358 24.39 -2.72 15.19
C ASP A 358 24.10 -1.81 16.38
N GLY A 359 23.23 -2.32 17.25
CA GLY A 359 22.73 -1.66 18.42
C GLY A 359 21.20 -1.67 18.29
N SER A 360 20.56 -0.53 18.56
CA SER A 360 19.11 -0.30 18.51
C SER A 360 18.73 0.43 17.22
N ARG A 361 17.76 -0.12 16.50
CA ARG A 361 17.32 0.48 15.23
C ARG A 361 15.87 0.09 15.01
N ARG A 362 15.08 1.02 14.43
CA ARG A 362 13.65 0.74 14.18
C ARG A 362 13.51 -0.22 12.99
N LEU A 363 13.16 -1.48 13.25
CA LEU A 363 13.09 -2.42 12.16
C LEU A 363 11.68 -2.67 11.63
N GLY A 364 10.66 -2.22 12.35
CA GLY A 364 9.30 -2.47 11.92
C GLY A 364 8.34 -1.71 12.83
N VAL A 365 7.04 -1.98 12.62
CA VAL A 365 6.00 -1.35 13.40
C VAL A 365 4.76 -2.27 13.45
N ALA A 366 4.11 -2.32 14.60
CA ALA A 366 2.88 -3.08 14.79
C ALA A 366 1.73 -2.05 14.76
N LEU A 367 0.60 -2.43 14.20
CA LEU A 367 -0.54 -1.51 14.07
C LEU A 367 -1.85 -2.19 14.52
N ALA A 368 -2.72 -1.47 15.25
CA ALA A 368 -3.96 -2.10 15.67
C ALA A 368 -5.09 -1.09 15.78
N THR A 369 -6.33 -1.61 15.74
CA THR A 369 -7.52 -0.78 15.97
C THR A 369 -8.29 -1.46 17.10
N ALA A 370 -9.14 -0.69 17.78
CA ALA A 370 -9.93 -1.17 18.90
C ALA A 370 -11.03 -0.18 19.14
N GLU A 371 -11.80 -0.43 20.18
CA GLU A 371 -12.90 0.44 20.55
C GLU A 371 -12.47 1.64 21.38
N SER A 372 -11.20 1.62 21.83
CA SER A 372 -10.62 2.73 22.56
C SER A 372 -9.11 2.79 22.26
N VAL A 373 -8.52 3.98 22.40
CA VAL A 373 -7.09 4.09 22.18
C VAL A 373 -6.31 3.23 23.18
N VAL A 374 -6.82 3.14 24.40
CA VAL A 374 -6.17 2.32 25.42
C VAL A 374 -6.06 0.87 24.96
N ASP A 375 -7.19 0.30 24.50
CA ASP A 375 -7.18 -1.05 24.03
C ASP A 375 -6.28 -1.19 22.77
N ALA A 376 -6.32 -0.20 21.84
CA ALA A 376 -5.49 -0.27 20.61
C ALA A 376 -4.00 -0.28 20.97
N ILE A 377 -3.63 0.60 21.93
CA ILE A 377 -2.24 0.68 22.37
C ILE A 377 -1.72 -0.66 22.92
N GLU A 378 -2.55 -1.31 23.76
CA GLU A 378 -2.14 -2.58 24.31
C GLU A 378 -1.96 -3.66 23.24
N ARG A 379 -2.94 -3.70 22.32
CA ARG A 379 -2.94 -4.65 21.22
C ARG A 379 -1.66 -4.47 20.37
N ALA A 380 -1.40 -3.21 19.98
CA ALA A 380 -0.20 -2.93 19.18
C ALA A 380 1.11 -3.27 19.94
N LYS A 381 1.22 -2.84 21.22
CA LYS A 381 2.45 -3.12 22.01
C LYS A 381 2.72 -4.58 22.16
N HIS A 382 1.64 -5.28 22.47
CA HIS A 382 1.68 -6.70 22.64
C HIS A 382 2.18 -7.40 21.37
N ALA A 383 1.62 -7.02 20.22
CA ALA A 383 2.02 -7.61 18.95
C ALA A 383 3.51 -7.35 18.64
N ALA A 384 3.94 -6.11 18.85
CA ALA A 384 5.34 -5.77 18.59
C ALA A 384 6.25 -6.62 19.43
N GLY A 385 5.82 -6.86 20.67
CA GLY A 385 6.61 -7.66 21.59
C GLY A 385 6.64 -9.15 21.26
N GLN A 386 5.63 -9.63 20.56
CA GLN A 386 5.54 -11.04 20.15
C GLN A 386 6.56 -11.44 19.10
N VAL A 387 6.91 -10.49 18.29
CA VAL A 387 7.86 -10.70 17.22
C VAL A 387 9.20 -11.07 17.84
N LYS A 388 9.75 -12.21 17.37
CA LYS A 388 11.01 -12.70 17.85
C LYS A 388 12.13 -12.34 16.86
N VAL A 389 12.88 -11.30 17.21
CA VAL A 389 13.94 -10.80 16.34
C VAL A 389 15.24 -11.53 16.57
N GLN A 390 15.74 -12.17 15.54
CA GLN A 390 17.01 -12.82 15.75
C GLN A 390 17.94 -12.49 14.64
N GLY A 391 19.22 -12.79 14.81
CA GLY A 391 20.15 -12.45 13.74
C GLY A 391 21.50 -13.07 13.93
N THR B 1 5.48 -18.82 11.94
CA THR B 1 5.92 -18.18 10.69
C THR B 1 7.18 -17.34 10.93
N LEU B 2 8.22 -17.67 10.17
CA LEU B 2 9.50 -16.99 10.24
C LEU B 2 9.76 -16.31 8.92
N LEU B 3 10.02 -15.01 9.00
CA LEU B 3 10.32 -14.18 7.83
C LEU B 3 11.75 -13.64 7.88
N GLY B 4 12.48 -13.75 6.79
CA GLY B 4 13.84 -13.18 6.78
C GLY B 4 13.72 -11.71 6.33
N THR B 5 14.84 -11.09 5.98
CA THR B 5 14.84 -9.72 5.49
C THR B 5 15.18 -9.77 3.99
N ALA B 6 14.34 -9.14 3.14
CA ALA B 6 14.60 -9.17 1.70
C ALA B 6 16.02 -8.76 1.38
N LEU B 7 16.62 -9.46 0.38
CA LEU B 7 17.99 -9.19 -0.11
C LEU B 7 19.10 -9.75 0.80
N ARG B 8 18.71 -10.27 1.94
CA ARG B 8 19.63 -10.85 2.89
C ARG B 8 19.62 -12.36 2.71
N PRO B 9 20.62 -13.05 3.24
CA PRO B 9 20.70 -14.49 3.03
C PRO B 9 19.49 -15.28 3.50
N ALA B 10 18.90 -14.85 4.60
CA ALA B 10 17.77 -15.60 5.05
C ALA B 10 16.47 -15.05 4.49
N ALA B 11 16.52 -14.25 3.44
CA ALA B 11 15.26 -13.69 2.92
C ALA B 11 14.20 -14.73 2.57
N THR B 12 12.94 -14.32 2.70
CA THR B 12 11.78 -15.12 2.31
C THR B 12 11.49 -14.65 0.89
N ARG B 13 11.45 -15.56 -0.07
CA ARG B 13 11.26 -15.20 -1.49
C ARG B 13 9.96 -15.60 -2.11
N VAL B 14 9.29 -14.58 -2.69
CA VAL B 14 8.03 -14.78 -3.38
C VAL B 14 8.21 -14.51 -4.88
N MET B 15 7.79 -15.45 -5.74
CA MET B 15 7.89 -15.27 -7.16
C MET B 15 6.48 -15.11 -7.72
N LEU B 16 6.21 -13.95 -8.32
CA LEU B 16 4.91 -13.70 -8.91
C LEU B 16 4.91 -14.12 -10.38
N LEU B 17 3.97 -15.01 -10.77
CA LEU B 17 3.85 -15.49 -12.15
C LEU B 17 2.64 -14.74 -12.73
N GLY B 18 2.97 -13.61 -13.32
CA GLY B 18 2.01 -12.67 -13.87
C GLY B 18 2.19 -11.40 -13.04
N SER B 19 2.52 -10.29 -13.72
CA SER B 19 2.81 -8.99 -13.10
C SER B 19 1.87 -7.83 -13.46
N GLY B 20 0.58 -8.11 -13.55
CA GLY B 20 -0.40 -7.11 -13.82
C GLY B 20 -0.74 -6.35 -12.54
N GLU B 21 -1.77 -5.53 -12.66
CA GLU B 21 -2.22 -4.67 -11.58
C GLU B 21 -2.60 -5.43 -10.32
N LEU B 22 -3.05 -6.67 -10.48
CA LEU B 22 -3.41 -7.46 -9.29
C LEU B 22 -2.11 -7.88 -8.61
N GLY B 23 -1.18 -8.40 -9.43
CA GLY B 23 0.14 -8.79 -8.96
C GLY B 23 0.86 -7.60 -8.34
N LYS B 24 0.62 -6.41 -8.90
CA LYS B 24 1.24 -5.18 -8.38
C LYS B 24 0.89 -4.93 -6.89
N GLU B 25 -0.38 -5.13 -6.54
CA GLU B 25 -0.79 -4.96 -5.15
C GLU B 25 -0.27 -6.11 -4.25
N VAL B 26 -0.20 -7.33 -4.78
CA VAL B 26 0.34 -8.40 -3.94
C VAL B 26 1.80 -8.08 -3.63
N ALA B 27 2.54 -7.60 -4.67
CA ALA B 27 3.94 -7.24 -4.50
C ALA B 27 4.09 -6.20 -3.41
N ILE B 28 3.24 -5.17 -3.47
CA ILE B 28 3.27 -4.12 -2.44
C ILE B 28 3.10 -4.71 -1.03
N GLU B 29 2.12 -5.63 -0.91
CA GLU B 29 1.83 -6.25 0.38
C GLU B 29 3.00 -7.13 0.85
N CYS B 30 3.69 -7.74 -0.09
CA CYS B 30 4.85 -8.53 0.29
C CYS B 30 5.97 -7.59 0.80
N GLN B 31 6.20 -6.52 0.01
CA GLN B 31 7.23 -5.54 0.32
C GLN B 31 6.96 -4.91 1.71
N ARG B 32 5.70 -4.77 2.08
CA ARG B 32 5.39 -4.18 3.40
C ARG B 32 5.83 -5.05 4.57
N LEU B 33 6.10 -6.32 4.27
CA LEU B 33 6.56 -7.30 5.23
C LEU B 33 8.04 -7.67 5.04
N GLY B 34 8.73 -6.90 4.17
CA GLY B 34 10.14 -7.13 3.89
C GLY B 34 10.41 -8.44 3.19
N VAL B 35 9.40 -8.94 2.48
CA VAL B 35 9.49 -10.18 1.70
C VAL B 35 10.09 -9.82 0.33
N GLU B 36 11.04 -10.65 -0.11
CA GLU B 36 11.73 -10.47 -1.38
C GLU B 36 10.80 -10.87 -2.53
N VAL B 37 10.62 -9.97 -3.50
CA VAL B 37 9.71 -10.20 -4.63
C VAL B 37 10.40 -10.26 -5.99
N ILE B 38 10.13 -11.37 -6.67
CA ILE B 38 10.63 -11.60 -8.03
C ILE B 38 9.40 -11.62 -8.91
N ALA B 39 9.25 -10.60 -9.78
CA ALA B 39 8.07 -10.50 -10.65
C ALA B 39 8.38 -11.00 -12.05
N VAL B 40 7.57 -11.95 -12.49
CA VAL B 40 7.70 -12.58 -13.80
C VAL B 40 6.51 -12.32 -14.70
N ASP B 41 6.79 -12.06 -16.00
CA ASP B 41 5.74 -11.83 -16.99
C ASP B 41 6.29 -12.09 -18.39
N ARG B 42 5.42 -11.97 -19.41
CA ARG B 42 5.84 -12.20 -20.78
C ARG B 42 6.25 -10.92 -21.49
N TYR B 43 6.24 -9.76 -20.79
CA TYR B 43 6.65 -8.48 -21.36
C TYR B 43 7.32 -7.66 -20.28
N ALA B 44 8.22 -6.77 -20.73
CA ALA B 44 8.98 -5.95 -19.84
C ALA B 44 8.21 -4.79 -19.23
N ASP B 45 8.60 -4.43 -18.01
CA ASP B 45 8.00 -3.31 -17.32
C ASP B 45 6.53 -3.45 -16.99
N ALA B 46 6.12 -4.70 -16.76
CA ALA B 46 4.76 -5.00 -16.34
C ALA B 46 4.55 -4.32 -14.97
N PRO B 47 3.33 -3.87 -14.65
CA PRO B 47 3.06 -3.20 -13.37
C PRO B 47 3.77 -3.76 -12.10
N ALA B 48 3.62 -5.04 -11.78
CA ALA B 48 4.28 -5.61 -10.58
C ALA B 48 5.79 -5.53 -10.61
N MET B 49 6.38 -5.53 -11.79
CA MET B 49 7.83 -5.41 -11.85
C MET B 49 8.29 -4.05 -11.33
N HIS B 50 7.43 -3.02 -11.43
CA HIS B 50 7.87 -1.71 -10.98
C HIS B 50 8.18 -1.68 -9.48
N VAL B 51 7.43 -2.49 -8.76
CA VAL B 51 7.54 -2.56 -7.31
C VAL B 51 8.21 -3.83 -6.78
N ALA B 52 8.82 -4.62 -7.64
CA ALA B 52 9.49 -5.83 -7.25
C ALA B 52 10.98 -5.58 -7.02
N HIS B 53 11.70 -6.56 -6.40
CA HIS B 53 13.13 -6.40 -6.21
C HIS B 53 13.83 -6.62 -7.53
N ARG B 54 13.28 -7.55 -8.29
CA ARG B 54 13.80 -7.88 -9.61
C ARG B 54 12.75 -8.61 -10.46
N SER B 55 13.02 -8.73 -11.75
CA SER B 55 12.06 -9.36 -12.63
C SER B 55 12.69 -10.16 -13.76
N HIS B 56 11.82 -10.96 -14.38
CA HIS B 56 12.23 -11.76 -15.51
C HIS B 56 11.11 -11.77 -16.51
N VAL B 57 11.49 -11.76 -17.78
CA VAL B 57 10.53 -11.83 -18.88
C VAL B 57 10.63 -13.21 -19.54
N ILE B 58 9.58 -14.01 -19.46
CA ILE B 58 9.63 -15.32 -20.09
C ILE B 58 8.27 -15.69 -20.63
N ASN B 59 8.26 -16.82 -21.35
CA ASN B 59 7.00 -17.34 -21.85
C ASN B 59 6.48 -18.28 -20.76
N MET B 60 5.55 -17.79 -19.97
CA MET B 60 5.05 -18.59 -18.85
C MET B 60 4.38 -19.88 -19.20
N LEU B 61 4.14 -20.07 -20.50
CA LEU B 61 3.51 -21.28 -20.94
C LEU B 61 4.53 -22.36 -21.26
N ASP B 62 5.79 -21.95 -21.33
CA ASP B 62 6.91 -22.84 -21.56
C ASP B 62 7.43 -23.38 -20.23
N GLY B 63 7.04 -24.62 -19.93
CA GLY B 63 7.45 -25.28 -18.70
C GLY B 63 8.95 -25.25 -18.47
N ASP B 64 9.75 -25.48 -19.48
CA ASP B 64 11.18 -25.46 -19.24
C ASP B 64 11.68 -24.11 -18.77
N ALA B 65 11.10 -23.09 -19.42
CA ALA B 65 11.40 -21.68 -19.14
C ALA B 65 11.02 -21.42 -17.69
N LEU B 66 9.86 -21.94 -17.33
CA LEU B 66 9.39 -21.80 -15.98
C LEU B 66 10.37 -22.46 -14.97
N ARG B 67 10.74 -23.71 -15.22
CA ARG B 67 11.64 -24.39 -14.33
C ARG B 67 12.95 -23.65 -14.21
N ARG B 68 13.43 -23.18 -15.34
CA ARG B 68 14.70 -22.46 -15.30
C ARG B 68 14.67 -21.24 -14.37
N VAL B 69 13.63 -20.41 -14.46
CA VAL B 69 13.54 -19.22 -13.61
C VAL B 69 13.38 -19.58 -12.14
N VAL B 70 12.50 -20.56 -11.91
CA VAL B 70 12.23 -21.04 -10.58
C VAL B 70 13.53 -21.54 -9.97
N GLU B 71 14.21 -22.40 -10.71
CA GLU B 71 15.44 -22.93 -10.23
C GLU B 71 16.48 -21.85 -10.01
N LEU B 72 16.44 -20.84 -10.84
CA LEU B 72 17.41 -19.78 -10.68
C LEU B 72 17.17 -18.92 -9.42
N GLU B 73 15.91 -18.69 -9.12
CA GLU B 73 15.51 -17.86 -8.00
C GLU B 73 15.20 -18.58 -6.69
N LYS B 74 14.98 -19.87 -6.74
CA LYS B 74 14.68 -20.61 -5.52
C LYS B 74 13.68 -19.89 -4.63
N PRO B 75 12.50 -19.67 -5.14
CA PRO B 75 11.50 -19.01 -4.34
C PRO B 75 10.90 -19.97 -3.32
N HIS B 76 10.36 -19.41 -2.26
CA HIS B 76 9.70 -20.15 -1.21
C HIS B 76 8.23 -20.21 -1.51
N TYR B 77 7.78 -19.29 -2.38
CA TYR B 77 6.37 -19.26 -2.82
C TYR B 77 6.28 -18.89 -4.29
N ILE B 78 5.40 -19.59 -5.02
CA ILE B 78 5.14 -19.33 -6.43
C ILE B 78 3.71 -18.90 -6.46
N VAL B 79 3.51 -17.63 -6.83
CA VAL B 79 2.17 -17.04 -6.83
C VAL B 79 1.65 -16.62 -8.23
N PRO B 80 0.75 -17.42 -8.82
CA PRO B 80 0.20 -17.11 -10.14
C PRO B 80 -0.85 -16.01 -10.07
N GLU B 81 -0.86 -15.17 -11.08
CA GLU B 81 -1.82 -14.08 -11.17
C GLU B 81 -2.89 -14.39 -12.21
N ILE B 82 -2.57 -15.31 -13.14
CA ILE B 82 -3.41 -15.74 -14.25
C ILE B 82 -3.42 -17.24 -14.49
N GLU B 83 -4.37 -17.64 -15.31
CA GLU B 83 -4.61 -19.02 -15.73
C GLU B 83 -3.57 -19.54 -16.73
N ALA B 84 -3.12 -18.64 -17.62
CA ALA B 84 -2.16 -18.93 -18.67
C ALA B 84 -0.76 -19.22 -18.23
N ILE B 85 -0.59 -20.35 -17.58
CA ILE B 85 0.72 -20.75 -17.13
C ILE B 85 0.83 -22.25 -17.34
N ALA B 86 2.05 -22.75 -17.48
CA ALA B 86 2.31 -24.18 -17.63
C ALA B 86 2.04 -24.86 -16.27
N THR B 87 0.77 -25.10 -15.99
CA THR B 87 0.36 -25.72 -14.75
C THR B 87 1.00 -27.09 -14.50
N ASP B 88 1.31 -27.83 -15.58
CA ASP B 88 1.91 -29.14 -15.44
C ASP B 88 3.24 -29.03 -14.73
N MET B 89 3.94 -27.99 -15.11
CA MET B 89 5.23 -27.73 -14.49
C MET B 89 4.98 -27.31 -13.02
N LEU B 90 3.83 -26.69 -12.75
CA LEU B 90 3.57 -26.30 -11.40
C LEU B 90 3.41 -27.53 -10.51
N ILE B 91 2.75 -28.51 -11.09
CA ILE B 91 2.55 -29.75 -10.37
C ILE B 91 3.86 -30.43 -10.00
N GLN B 92 4.72 -30.52 -10.99
CA GLN B 92 6.02 -31.13 -10.83
C GLN B 92 6.82 -30.43 -9.78
N LEU B 93 6.91 -29.12 -9.94
CA LEU B 93 7.68 -28.31 -9.01
C LEU B 93 7.18 -28.47 -7.60
N GLU B 94 5.86 -28.59 -7.49
CA GLU B 94 5.26 -28.77 -6.19
C GLU B 94 5.70 -30.13 -5.65
N GLU B 95 5.74 -31.09 -6.57
CA GLU B 95 6.18 -32.43 -6.27
C GLU B 95 7.63 -32.41 -5.84
N GLU B 96 8.39 -31.49 -6.38
CA GLU B 96 9.78 -31.42 -5.99
C GLU B 96 9.96 -30.56 -4.76
N GLY B 97 8.86 -30.14 -4.14
CA GLY B 97 9.02 -29.34 -2.95
C GLY B 97 8.70 -27.86 -3.02
N LEU B 98 8.28 -27.36 -4.17
CA LEU B 98 7.97 -25.93 -4.21
C LEU B 98 6.59 -25.65 -3.66
N ASN B 99 6.45 -24.47 -3.06
CA ASN B 99 5.18 -24.06 -2.52
C ASN B 99 4.44 -23.22 -3.56
N VAL B 100 3.41 -23.81 -4.11
CA VAL B 100 2.59 -23.16 -5.11
C VAL B 100 1.34 -22.67 -4.43
N VAL B 101 1.04 -21.39 -4.58
CA VAL B 101 -0.15 -20.76 -3.94
C VAL B 101 -1.41 -20.80 -4.82
N PRO B 102 -2.56 -21.33 -4.34
CA PRO B 102 -2.78 -21.95 -3.02
C PRO B 102 -2.23 -23.37 -2.92
N CYS B 103 -2.30 -24.07 -4.05
CA CYS B 103 -1.76 -25.40 -4.29
C CYS B 103 -1.79 -25.63 -5.78
N ALA B 104 -0.92 -26.49 -6.30
CA ALA B 104 -0.86 -26.71 -7.74
C ALA B 104 -2.13 -27.32 -8.29
N ARG B 105 -2.72 -28.25 -7.54
CA ARG B 105 -3.95 -28.88 -7.96
C ARG B 105 -5.04 -27.87 -8.22
N ALA B 106 -5.15 -26.89 -7.30
CA ALA B 106 -6.14 -25.81 -7.38
C ALA B 106 -6.02 -25.03 -8.71
N THR B 107 -4.77 -24.78 -9.14
CA THR B 107 -4.53 -24.08 -10.38
C THR B 107 -4.89 -24.90 -11.58
N LYS B 108 -4.52 -26.16 -11.52
CA LYS B 108 -4.82 -27.10 -12.59
C LYS B 108 -6.35 -27.26 -12.85
N LEU B 109 -7.11 -27.50 -11.77
CA LEU B 109 -8.55 -27.68 -11.86
C LEU B 109 -9.30 -26.50 -12.47
N THR B 110 -8.84 -25.32 -12.10
CA THR B 110 -9.48 -24.10 -12.55
C THR B 110 -8.99 -23.55 -13.90
N MET B 111 -7.91 -24.08 -14.48
CA MET B 111 -7.43 -23.55 -15.74
C MET B 111 -8.17 -24.20 -16.90
N ASN B 112 -8.93 -25.23 -16.51
CA ASN B 112 -9.69 -26.00 -17.44
C ASN B 112 -11.07 -26.17 -16.87
N ARG B 113 -12.06 -25.63 -17.59
CA ARG B 113 -13.46 -25.66 -17.18
C ARG B 113 -14.01 -27.04 -16.86
N GLU B 114 -13.47 -28.03 -17.58
CA GLU B 114 -13.87 -29.42 -17.41
C GLU B 114 -13.51 -29.95 -16.03
N GLY B 115 -12.41 -29.44 -15.46
CA GLY B 115 -11.97 -29.86 -14.15
C GLY B 115 -12.85 -29.27 -13.06
N ILE B 116 -12.88 -27.95 -13.02
CA ILE B 116 -13.64 -27.28 -12.00
C ILE B 116 -15.12 -27.53 -12.08
N ARG B 117 -15.62 -27.51 -13.30
CA ARG B 117 -17.06 -27.73 -13.48
C ARG B 117 -17.50 -29.13 -13.01
N ARG B 118 -16.72 -30.14 -13.40
CA ARG B 118 -17.08 -31.47 -12.99
C ARG B 118 -16.93 -31.58 -11.46
N LEU B 119 -15.84 -31.02 -10.93
CA LEU B 119 -15.65 -31.04 -9.49
C LEU B 119 -16.85 -30.43 -8.76
N ALA B 120 -17.22 -29.24 -9.17
CA ALA B 120 -18.31 -28.57 -8.50
C ALA B 120 -19.67 -29.21 -8.62
N ALA B 121 -20.05 -29.49 -9.87
CA ALA B 121 -21.35 -30.05 -10.18
C ALA B 121 -21.52 -31.50 -9.79
N GLU B 122 -20.54 -32.29 -10.18
CA GLU B 122 -20.59 -33.70 -9.90
C GLU B 122 -20.09 -34.07 -8.51
N GLU B 123 -18.78 -33.95 -8.32
CA GLU B 123 -18.15 -34.28 -7.05
C GLU B 123 -18.82 -33.56 -5.90
N LEU B 124 -18.90 -32.23 -5.99
CA LEU B 124 -19.46 -31.42 -4.93
C LEU B 124 -20.94 -31.32 -4.82
N GLN B 125 -21.65 -31.64 -5.91
CA GLN B 125 -23.11 -31.60 -5.86
C GLN B 125 -23.67 -30.21 -5.71
N LEU B 126 -22.96 -29.24 -6.28
CA LEU B 126 -23.36 -27.86 -6.23
C LEU B 126 -24.18 -27.41 -7.45
N PRO B 127 -24.99 -26.36 -7.27
CA PRO B 127 -25.84 -25.75 -8.29
C PRO B 127 -25.02 -24.94 -9.26
N THR B 128 -25.15 -25.30 -10.53
CA THR B 128 -24.45 -24.66 -11.62
C THR B 128 -25.38 -24.55 -12.83
N SER B 129 -25.01 -23.77 -13.86
CA SER B 129 -25.86 -23.70 -15.04
C SER B 129 -25.83 -25.10 -15.64
N THR B 130 -26.66 -25.36 -16.65
CA THR B 130 -26.58 -26.67 -17.26
C THR B 130 -25.37 -26.55 -18.13
N TYR B 131 -24.83 -27.67 -18.59
CA TYR B 131 -23.66 -27.54 -19.47
C TYR B 131 -23.34 -28.80 -20.20
N ARG B 132 -22.44 -28.69 -21.17
CA ARG B 132 -22.01 -29.85 -21.89
C ARG B 132 -20.69 -29.58 -22.52
N PHE B 133 -19.84 -30.63 -22.54
CA PHE B 133 -18.53 -30.55 -23.16
C PHE B 133 -18.59 -31.21 -24.54
N ALA B 134 -17.75 -30.76 -25.45
CA ALA B 134 -17.80 -31.32 -26.78
C ALA B 134 -16.45 -31.16 -27.45
N ASP B 135 -16.13 -32.14 -28.28
CA ASP B 135 -14.87 -32.14 -28.99
C ASP B 135 -14.98 -31.98 -30.49
N SER B 136 -16.22 -31.90 -31.03
CA SER B 136 -16.45 -31.72 -32.47
C SER B 136 -17.69 -30.89 -32.72
N GLU B 137 -17.68 -30.15 -33.84
CA GLU B 137 -18.79 -29.30 -34.28
C GLU B 137 -20.05 -30.14 -34.18
N SER B 138 -19.86 -31.40 -34.51
CA SER B 138 -20.93 -32.34 -34.45
C SER B 138 -21.41 -32.34 -33.03
N LEU B 139 -20.48 -32.69 -32.14
CA LEU B 139 -20.80 -32.71 -30.75
C LEU B 139 -21.26 -31.36 -30.28
N PHE B 140 -20.59 -30.28 -30.77
CA PHE B 140 -20.98 -28.90 -30.45
C PHE B 140 -22.40 -28.65 -30.86
N ARG B 141 -22.60 -28.76 -32.19
CA ARG B 141 -23.88 -28.59 -32.85
C ARG B 141 -24.88 -29.41 -32.09
N GLU B 142 -24.42 -30.59 -31.75
CA GLU B 142 -25.25 -31.49 -31.01
C GLU B 142 -25.62 -30.90 -29.67
N ALA B 143 -24.59 -30.52 -28.90
CA ALA B 143 -24.76 -29.95 -27.56
C ALA B 143 -25.66 -28.74 -27.47
N VAL B 144 -25.41 -27.77 -28.35
CA VAL B 144 -26.20 -26.58 -28.32
C VAL B 144 -27.64 -26.94 -28.49
N ALA B 145 -27.80 -28.09 -29.13
CA ALA B 145 -29.10 -28.66 -29.39
C ALA B 145 -29.67 -29.22 -28.10
N ASP B 146 -28.79 -29.65 -27.24
CA ASP B 146 -29.23 -30.19 -25.96
C ASP B 146 -29.48 -29.10 -24.91
N ILE B 147 -28.66 -28.07 -25.00
CA ILE B 147 -28.82 -27.00 -24.08
C ILE B 147 -30.04 -26.17 -24.45
N GLY B 148 -30.05 -25.72 -25.69
CA GLY B 148 -31.12 -24.91 -26.22
C GLY B 148 -30.70 -23.46 -26.26
N TYR B 149 -31.66 -22.61 -26.61
CA TYR B 149 -31.34 -21.21 -26.66
C TYR B 149 -31.97 -20.49 -25.46
N PRO B 150 -31.28 -19.42 -25.02
CA PRO B 150 -30.05 -19.05 -25.69
C PRO B 150 -28.94 -19.84 -25.01
N CYS B 151 -27.71 -19.69 -25.44
CA CYS B 151 -26.71 -20.44 -24.73
C CYS B 151 -25.34 -19.85 -24.93
N ILE B 152 -24.42 -20.25 -24.05
CA ILE B 152 -23.07 -19.73 -24.14
C ILE B 152 -22.10 -20.81 -24.49
N VAL B 153 -21.23 -20.42 -25.36
CA VAL B 153 -20.21 -21.34 -25.72
C VAL B 153 -18.85 -20.76 -25.36
N LYS B 154 -18.10 -21.59 -24.65
CA LYS B 154 -16.79 -21.14 -24.25
C LYS B 154 -15.72 -22.20 -24.47
N PRO B 155 -14.52 -21.75 -24.81
CA PRO B 155 -13.43 -22.70 -24.94
C PRO B 155 -13.30 -23.35 -23.54
N VAL B 156 -12.55 -24.42 -23.38
CA VAL B 156 -12.42 -24.95 -22.03
C VAL B 156 -11.26 -24.30 -21.33
N MET B 157 -10.46 -23.58 -22.12
CA MET B 157 -9.30 -22.83 -21.66
C MET B 157 -9.39 -21.40 -22.20
N SER B 158 -10.39 -20.70 -21.65
CA SER B 158 -10.74 -19.32 -22.00
C SER B 158 -10.92 -18.41 -20.75
N SER B 159 -10.69 -17.12 -20.95
CA SER B 159 -10.84 -16.12 -19.89
C SER B 159 -11.21 -14.79 -20.51
N SER B 160 -11.56 -13.83 -19.65
CA SER B 160 -11.93 -12.49 -20.09
C SER B 160 -12.96 -12.56 -21.24
N GLY B 161 -13.66 -13.68 -21.31
CA GLY B 161 -14.65 -13.88 -22.35
C GLY B 161 -14.03 -14.37 -23.69
N LYS B 162 -12.68 -14.30 -23.83
CA LYS B 162 -11.99 -14.72 -25.04
C LYS B 162 -12.51 -16.03 -25.62
N GLY B 163 -12.89 -15.97 -26.89
CA GLY B 163 -13.41 -17.10 -27.62
C GLY B 163 -14.84 -17.48 -27.25
N GLN B 164 -15.58 -16.61 -26.61
CA GLN B 164 -16.95 -16.95 -26.21
C GLN B 164 -17.96 -16.35 -27.15
N THR B 165 -19.15 -16.92 -27.12
CA THR B 165 -20.23 -16.43 -27.95
C THR B 165 -21.56 -16.74 -27.26
N PHE B 166 -22.47 -15.73 -27.17
CA PHE B 166 -23.81 -15.89 -26.60
C PHE B 166 -24.66 -16.24 -27.80
N ILE B 167 -25.27 -17.40 -27.74
CA ILE B 167 -26.06 -17.86 -28.85
C ILE B 167 -27.54 -17.97 -28.65
N ARG B 168 -28.21 -17.13 -29.41
CA ARG B 168 -29.65 -17.13 -29.42
C ARG B 168 -30.11 -17.80 -30.73
N SER B 169 -29.21 -17.84 -31.73
CA SER B 169 -29.59 -18.43 -33.01
C SER B 169 -28.60 -19.33 -33.78
N ALA B 170 -29.21 -20.28 -34.50
CA ALA B 170 -28.52 -21.27 -35.31
C ALA B 170 -27.52 -20.70 -36.31
N GLU B 171 -27.82 -19.54 -36.84
CA GLU B 171 -26.93 -18.90 -37.81
C GLU B 171 -25.50 -18.70 -37.24
N GLN B 172 -25.44 -18.35 -35.95
CA GLN B 172 -24.18 -18.10 -35.26
C GLN B 172 -23.19 -19.25 -35.36
N LEU B 173 -23.68 -20.49 -35.12
CA LEU B 173 -22.89 -21.73 -35.16
C LEU B 173 -21.74 -21.72 -36.17
N ALA B 174 -21.91 -21.02 -37.27
CA ALA B 174 -20.82 -20.99 -38.21
C ALA B 174 -19.63 -20.46 -37.44
N GLN B 175 -19.89 -19.23 -37.00
CA GLN B 175 -19.04 -18.38 -36.21
C GLN B 175 -18.60 -19.01 -34.91
N ALA B 176 -19.61 -19.32 -34.08
CA ALA B 176 -19.43 -19.87 -32.73
C ALA B 176 -18.28 -20.83 -32.63
N TRP B 177 -18.46 -21.92 -33.36
CA TRP B 177 -17.46 -22.95 -33.39
C TRP B 177 -16.08 -22.40 -33.77
N LYS B 178 -15.99 -21.61 -34.86
CA LYS B 178 -14.74 -21.00 -35.32
C LYS B 178 -14.07 -20.07 -34.30
N TYR B 179 -14.90 -19.32 -33.56
CA TYR B 179 -14.45 -18.39 -32.55
C TYR B 179 -13.78 -19.12 -31.40
N ALA B 180 -14.43 -20.23 -31.00
CA ALA B 180 -13.95 -21.12 -29.94
C ALA B 180 -12.57 -21.71 -30.28
N GLN B 181 -12.08 -21.32 -31.47
CA GLN B 181 -10.79 -21.70 -32.00
C GLN B 181 -9.92 -20.44 -32.09
N GLN B 182 -10.58 -19.28 -32.29
CA GLN B 182 -9.89 -17.99 -32.34
C GLN B 182 -9.00 -17.94 -31.11
N GLY B 183 -9.68 -17.93 -29.93
CA GLY B 183 -9.05 -17.88 -28.62
C GLY B 183 -8.77 -19.27 -28.00
N GLY B 184 -8.03 -19.25 -26.88
CA GLY B 184 -7.67 -20.48 -26.18
C GLY B 184 -6.23 -20.85 -26.49
N GLY B 189 -8.76 -28.04 -28.79
CA GLY B 189 -10.01 -27.79 -29.49
C GLY B 189 -11.26 -28.39 -28.82
N ARG B 190 -11.52 -28.03 -27.55
CA ARG B 190 -12.67 -28.51 -26.80
C ARG B 190 -13.43 -27.39 -26.15
N VAL B 191 -14.70 -27.64 -25.90
CA VAL B 191 -15.54 -26.59 -25.35
C VAL B 191 -16.63 -27.04 -24.40
N ILE B 192 -17.31 -26.00 -23.91
CA ILE B 192 -18.42 -26.10 -23.02
C ILE B 192 -19.57 -25.28 -23.54
N VAL B 193 -20.73 -25.88 -23.39
CA VAL B 193 -21.94 -25.25 -23.80
C VAL B 193 -22.79 -25.14 -22.56
N GLU B 194 -22.98 -23.90 -22.13
CA GLU B 194 -23.76 -23.69 -20.92
C GLU B 194 -25.12 -23.09 -21.16
N GLY B 195 -26.02 -23.50 -20.30
CA GLY B 195 -27.37 -22.99 -20.28
C GLY B 195 -27.31 -21.55 -19.79
N VAL B 196 -28.32 -20.78 -20.05
CA VAL B 196 -28.26 -19.43 -19.60
C VAL B 196 -29.03 -19.29 -18.31
N VAL B 197 -28.35 -18.73 -17.30
CA VAL B 197 -28.97 -18.52 -15.99
C VAL B 197 -29.54 -17.11 -15.93
N LYS B 198 -30.81 -16.95 -15.55
CA LYS B 198 -31.34 -15.59 -15.45
C LYS B 198 -31.38 -15.20 -13.98
N PHE B 199 -30.27 -14.68 -13.55
CA PHE B 199 -30.10 -14.28 -12.18
C PHE B 199 -30.62 -12.88 -11.93
N ASP B 200 -30.74 -12.50 -10.66
CA ASP B 200 -31.14 -11.13 -10.34
C ASP B 200 -29.86 -10.30 -10.45
N PHE B 201 -28.73 -10.87 -10.02
CA PHE B 201 -27.44 -10.19 -10.07
C PHE B 201 -26.37 -11.20 -9.80
N GLU B 202 -25.14 -10.81 -10.15
CA GLU B 202 -23.97 -11.65 -9.96
C GLU B 202 -23.19 -11.07 -8.83
N ILE B 203 -22.43 -11.91 -8.16
CA ILE B 203 -21.54 -11.44 -7.09
C ILE B 203 -20.24 -12.21 -7.17
N THR B 204 -19.26 -11.66 -6.46
CA THR B 204 -17.95 -12.28 -6.32
C THR B 204 -17.83 -12.36 -4.80
N LEU B 205 -17.68 -13.59 -4.29
CA LEU B 205 -17.54 -13.77 -2.87
C LEU B 205 -16.07 -14.06 -2.61
N LEU B 206 -15.36 -13.02 -2.14
CA LEU B 206 -13.93 -13.08 -1.84
C LEU B 206 -13.75 -13.86 -0.55
N THR B 207 -13.21 -15.09 -0.71
CA THR B 207 -13.07 -16.08 0.35
C THR B 207 -11.65 -16.44 0.60
N VAL B 208 -11.26 -16.19 1.84
CA VAL B 208 -9.89 -16.43 2.26
C VAL B 208 -9.75 -17.71 3.08
N SER B 209 -8.86 -18.58 2.65
CA SER B 209 -8.60 -19.85 3.34
C SER B 209 -7.26 -19.68 4.02
N ALA B 210 -7.25 -19.73 5.33
CA ALA B 210 -6.01 -19.51 6.07
C ALA B 210 -5.88 -20.46 7.24
N VAL B 211 -4.81 -20.25 7.99
CA VAL B 211 -4.53 -21.11 9.16
C VAL B 211 -5.66 -21.14 10.19
N ASP B 212 -6.42 -20.03 10.33
CA ASP B 212 -7.51 -19.92 11.27
C ASP B 212 -8.83 -20.19 10.59
N GLY B 213 -8.80 -20.88 9.46
CA GLY B 213 -10.04 -21.21 8.79
C GLY B 213 -10.40 -20.34 7.61
N VAL B 214 -11.66 -20.42 7.23
CA VAL B 214 -12.20 -19.66 6.12
C VAL B 214 -13.03 -18.48 6.61
N HIS B 215 -12.69 -17.32 6.03
CA HIS B 215 -13.38 -16.06 6.31
C HIS B 215 -13.86 -15.45 4.99
N PHE B 216 -14.92 -14.69 5.06
CA PHE B 216 -15.49 -14.08 3.87
C PHE B 216 -15.50 -12.57 3.90
N CYS B 217 -15.35 -11.98 2.72
CA CYS B 217 -15.46 -10.56 2.62
C CYS B 217 -16.92 -10.34 2.31
N ALA B 218 -17.46 -9.12 2.55
CA ALA B 218 -18.83 -8.86 2.20
C ALA B 218 -18.95 -9.02 0.67
N PRO B 219 -20.05 -9.59 0.20
CA PRO B 219 -20.27 -9.80 -1.22
C PRO B 219 -20.06 -8.56 -2.10
N VAL B 220 -19.38 -8.83 -3.22
CA VAL B 220 -19.06 -7.81 -4.21
C VAL B 220 -19.93 -7.90 -5.46
N GLY B 221 -20.69 -6.83 -5.76
CA GLY B 221 -21.51 -6.86 -6.97
C GLY B 221 -20.73 -6.20 -8.10
N HIS B 222 -21.14 -6.41 -9.35
CA HIS B 222 -20.42 -5.80 -10.46
C HIS B 222 -21.24 -5.78 -11.74
N ARG B 223 -20.72 -4.99 -12.69
CA ARG B 223 -21.25 -4.82 -14.02
C ARG B 223 -20.14 -5.16 -14.99
N GLN B 224 -20.42 -6.14 -15.87
CA GLN B 224 -19.51 -6.66 -16.89
C GLN B 224 -19.96 -6.11 -18.23
N GLU B 225 -19.03 -5.94 -19.15
CA GLU B 225 -19.40 -5.44 -20.48
C GLU B 225 -18.31 -5.82 -21.44
N ASP B 226 -18.69 -6.55 -22.49
CA ASP B 226 -17.70 -6.95 -23.46
C ASP B 226 -16.59 -7.72 -22.75
N GLY B 227 -17.03 -8.60 -21.83
CA GLY B 227 -16.17 -9.48 -21.03
C GLY B 227 -15.22 -8.84 -20.01
N ASP B 228 -15.40 -7.54 -19.77
CA ASP B 228 -14.60 -6.78 -18.82
C ASP B 228 -15.50 -6.22 -17.74
N TYR B 229 -15.09 -6.34 -16.47
CA TYR B 229 -15.91 -5.72 -15.44
C TYR B 229 -15.74 -4.21 -15.61
N ARG B 230 -16.76 -3.44 -15.31
CA ARG B 230 -16.72 -1.98 -15.48
C ARG B 230 -16.71 -1.28 -14.12
N GLU B 231 -17.65 -1.69 -13.28
CA GLU B 231 -17.76 -1.17 -11.93
C GLU B 231 -18.04 -2.37 -11.02
N SER B 232 -17.60 -2.26 -9.76
CA SER B 232 -17.85 -3.26 -8.73
C SER B 232 -18.22 -2.50 -7.46
N TRP B 233 -18.92 -3.13 -6.55
CA TRP B 233 -19.31 -2.43 -5.38
C TRP B 233 -19.51 -3.41 -4.23
N GLN B 234 -19.53 -2.84 -3.04
CA GLN B 234 -19.65 -3.63 -1.83
C GLN B 234 -20.25 -2.78 -0.71
N PRO B 235 -21.11 -3.40 0.11
CA PRO B 235 -21.56 -4.79 -0.06
C PRO B 235 -22.78 -4.82 -0.98
N GLN B 236 -22.87 -5.88 -1.77
CA GLN B 236 -24.03 -6.08 -2.64
C GLN B 236 -25.16 -6.53 -1.72
N GLN B 237 -26.31 -5.89 -1.87
CA GLN B 237 -27.50 -6.22 -1.09
C GLN B 237 -28.13 -7.55 -1.54
N MET B 238 -28.27 -8.46 -0.60
CA MET B 238 -28.85 -9.77 -0.84
C MET B 238 -29.48 -10.28 0.46
N SER B 239 -30.35 -11.29 0.39
CA SER B 239 -30.95 -11.79 1.63
C SER B 239 -29.94 -12.61 2.42
N PRO B 240 -30.16 -12.66 3.73
CA PRO B 240 -29.32 -13.42 4.64
C PRO B 240 -29.31 -14.88 4.25
N LEU B 241 -30.46 -15.35 3.75
CA LEU B 241 -30.56 -16.71 3.32
C LEU B 241 -29.63 -16.90 2.14
N ALA B 242 -29.76 -15.95 1.21
CA ALA B 242 -28.93 -15.98 0.04
C ALA B 242 -27.45 -15.92 0.42
N LEU B 243 -27.10 -15.02 1.34
CA LEU B 243 -25.70 -14.89 1.74
C LEU B 243 -25.18 -16.15 2.40
N GLU B 244 -26.05 -16.69 3.23
CA GLU B 244 -25.72 -17.91 3.93
C GLU B 244 -25.40 -19.02 2.94
N ARG B 245 -26.29 -19.15 1.95
CA ARG B 245 -26.12 -20.14 0.90
C ARG B 245 -24.84 -19.92 0.07
N ALA B 246 -24.56 -18.66 -0.22
CA ALA B 246 -23.37 -18.31 -0.96
C ALA B 246 -22.10 -18.70 -0.22
N GLN B 247 -22.06 -18.42 1.06
CA GLN B 247 -20.89 -18.78 1.86
C GLN B 247 -20.65 -20.28 1.89
N GLU B 248 -21.77 -21.02 1.99
CA GLU B 248 -21.71 -22.48 2.01
C GLU B 248 -21.04 -22.99 0.76
N ILE B 249 -21.52 -22.47 -0.36
CA ILE B 249 -20.97 -22.85 -1.62
C ILE B 249 -19.47 -22.55 -1.68
N ALA B 250 -19.13 -21.32 -1.32
CA ALA B 250 -17.74 -20.85 -1.32
C ALA B 250 -16.80 -21.74 -0.47
N ARG B 251 -17.24 -21.99 0.77
CA ARG B 251 -16.46 -22.82 1.68
C ARG B 251 -16.15 -24.19 1.06
N LYS B 252 -17.23 -24.83 0.64
CA LYS B 252 -17.18 -26.14 0.03
C LYS B 252 -16.16 -26.13 -1.14
N VAL B 253 -16.24 -25.13 -2.01
CA VAL B 253 -15.35 -25.01 -3.14
C VAL B 253 -13.88 -24.79 -2.74
N VAL B 254 -13.63 -23.78 -1.89
CA VAL B 254 -12.25 -23.49 -1.49
C VAL B 254 -11.55 -24.65 -0.77
N LEU B 255 -12.30 -25.30 0.11
CA LEU B 255 -11.76 -26.42 0.86
C LEU B 255 -11.47 -27.57 -0.10
N ALA B 256 -12.31 -27.73 -1.13
CA ALA B 256 -12.10 -28.83 -2.07
C ALA B 256 -10.89 -28.60 -2.95
N LEU B 257 -10.67 -27.33 -3.26
CA LEU B 257 -9.52 -26.98 -4.08
C LEU B 257 -8.22 -27.11 -3.29
N GLY B 258 -8.32 -26.73 -2.00
CA GLY B 258 -7.19 -26.80 -1.07
C GLY B 258 -6.12 -25.68 -1.16
N GLY B 259 -5.36 -25.59 -0.08
CA GLY B 259 -4.28 -24.60 0.03
C GLY B 259 -4.74 -23.26 0.58
N TYR B 260 -3.78 -22.50 1.11
CA TYR B 260 -4.09 -21.18 1.66
C TYR B 260 -4.02 -20.07 0.63
N GLY B 261 -5.00 -19.15 0.70
CA GLY B 261 -5.01 -18.01 -0.19
C GLY B 261 -6.36 -17.40 -0.27
N LEU B 262 -6.45 -16.35 -1.07
CA LEU B 262 -7.71 -15.67 -1.31
C LEU B 262 -8.27 -16.18 -2.65
N PHE B 263 -9.55 -16.62 -2.60
CA PHE B 263 -10.29 -17.15 -3.76
C PHE B 263 -11.43 -16.20 -4.20
N GLY B 264 -11.63 -16.03 -5.53
CA GLY B 264 -12.74 -15.19 -6.00
C GLY B 264 -13.87 -16.13 -6.48
N VAL B 265 -14.87 -16.37 -5.63
CA VAL B 265 -15.97 -17.29 -5.98
C VAL B 265 -17.09 -16.55 -6.75
N GLU B 266 -17.25 -16.87 -8.04
CA GLU B 266 -18.24 -16.22 -8.89
C GLU B 266 -19.56 -16.94 -8.76
N LEU B 267 -20.58 -16.20 -8.41
CA LEU B 267 -21.91 -16.76 -8.20
C LEU B 267 -23.01 -15.91 -8.81
N PHE B 268 -24.18 -16.54 -9.00
CA PHE B 268 -25.34 -15.87 -9.51
C PHE B 268 -26.41 -15.99 -8.45
N VAL B 269 -27.15 -14.92 -8.27
CA VAL B 269 -28.22 -14.88 -7.26
C VAL B 269 -29.59 -14.59 -7.87
N CYS B 270 -30.55 -15.46 -7.59
CA CYS B 270 -31.92 -15.32 -8.03
C CYS B 270 -32.77 -15.44 -6.80
N GLY B 271 -33.27 -14.34 -6.31
CA GLY B 271 -34.03 -14.45 -5.09
C GLY B 271 -33.13 -14.99 -3.96
N ASP B 272 -33.55 -16.06 -3.29
CA ASP B 272 -32.75 -16.63 -2.20
C ASP B 272 -31.88 -17.79 -2.64
N GLU B 273 -31.90 -18.07 -3.95
CA GLU B 273 -31.14 -19.13 -4.60
C GLU B 273 -29.80 -18.64 -5.16
N VAL B 274 -28.75 -19.43 -4.96
CA VAL B 274 -27.42 -19.11 -5.43
C VAL B 274 -26.89 -20.23 -6.30
N ILE B 275 -26.30 -19.83 -7.43
CA ILE B 275 -25.71 -20.75 -8.40
C ILE B 275 -24.22 -20.55 -8.57
N PHE B 276 -23.44 -21.64 -8.46
CA PHE B 276 -22.01 -21.55 -8.63
C PHE B 276 -21.75 -21.34 -10.10
N SER B 277 -20.78 -20.47 -10.42
CA SER B 277 -20.38 -20.20 -11.81
C SER B 277 -18.97 -20.72 -12.03
N GLU B 278 -18.01 -20.09 -11.33
CA GLU B 278 -16.61 -20.50 -11.42
C GLU B 278 -15.87 -19.81 -10.27
N VAL B 279 -14.56 -20.05 -10.19
CA VAL B 279 -13.75 -19.46 -9.12
C VAL B 279 -12.29 -19.23 -9.50
N SER B 280 -11.73 -18.08 -9.08
CA SER B 280 -10.31 -17.78 -9.31
C SER B 280 -9.54 -18.24 -8.05
N PRO B 281 -8.49 -19.08 -8.19
CA PRO B 281 -7.71 -19.51 -7.03
C PRO B 281 -6.70 -18.38 -6.68
N ARG B 282 -7.18 -17.16 -6.63
CA ARG B 282 -6.34 -16.01 -6.39
C ARG B 282 -7.24 -14.77 -6.35
N PRO B 283 -6.68 -13.61 -6.03
CA PRO B 283 -7.46 -12.37 -6.04
C PRO B 283 -8.14 -12.13 -7.45
N HIS B 284 -9.32 -11.54 -7.40
CA HIS B 284 -10.17 -11.30 -8.57
C HIS B 284 -10.27 -9.81 -8.87
N ASP B 285 -10.29 -9.47 -10.15
CA ASP B 285 -10.31 -8.07 -10.51
C ASP B 285 -11.41 -7.21 -9.89
N THR B 286 -12.62 -7.77 -9.75
CA THR B 286 -13.75 -7.05 -9.17
C THR B 286 -13.46 -6.65 -7.71
N GLY B 287 -12.60 -7.43 -7.07
CA GLY B 287 -12.18 -7.20 -5.67
C GLY B 287 -11.26 -5.98 -5.53
N MET B 288 -10.97 -5.28 -6.63
CA MET B 288 -10.14 -4.09 -6.45
C MET B 288 -10.86 -3.06 -5.57
N VAL B 289 -12.20 -3.19 -5.41
CA VAL B 289 -12.94 -2.28 -4.52
C VAL B 289 -12.39 -2.39 -3.08
N THR B 290 -11.89 -3.57 -2.69
CA THR B 290 -11.33 -3.78 -1.35
C THR B 290 -10.12 -2.91 -1.01
N LEU B 291 -9.54 -2.24 -2.03
CA LEU B 291 -8.41 -1.30 -1.82
C LEU B 291 -8.89 -0.05 -1.05
N ILE B 292 -10.22 0.18 -1.02
CA ILE B 292 -10.75 1.30 -0.29
C ILE B 292 -11.79 0.90 0.76
N SER B 293 -12.43 -0.26 0.53
CA SER B 293 -13.54 -0.73 1.31
C SER B 293 -13.29 -1.54 2.57
N GLN B 294 -12.06 -2.01 2.76
CA GLN B 294 -11.77 -2.87 3.92
C GLN B 294 -10.46 -2.52 4.57
N ASP B 295 -10.27 -3.01 5.80
CA ASP B 295 -9.01 -2.75 6.45
C ASP B 295 -7.95 -3.55 5.75
N LEU B 296 -8.30 -4.77 5.35
CA LEU B 296 -7.38 -5.63 4.62
C LEU B 296 -7.87 -5.81 3.19
N SER B 297 -7.08 -5.36 2.22
CA SER B 297 -7.47 -5.53 0.82
C SER B 297 -7.36 -7.01 0.43
N GLU B 298 -8.00 -7.40 -0.69
CA GLU B 298 -7.93 -8.81 -1.12
C GLU B 298 -6.46 -9.27 -1.33
N PHE B 299 -5.61 -8.31 -1.67
CA PHE B 299 -4.19 -8.56 -1.89
C PHE B 299 -3.47 -8.83 -0.57
N ALA B 300 -3.79 -8.01 0.44
CA ALA B 300 -3.22 -8.19 1.74
C ALA B 300 -3.69 -9.52 2.33
N LEU B 301 -4.96 -9.86 2.06
CA LEU B 301 -5.51 -11.08 2.57
C LEU B 301 -4.80 -12.29 1.99
N HIS B 302 -4.55 -12.22 0.69
CA HIS B 302 -3.89 -13.32 -0.03
C HIS B 302 -2.53 -13.61 0.58
N VAL B 303 -1.78 -12.53 0.82
CA VAL B 303 -0.44 -12.64 1.38
C VAL B 303 -0.45 -13.16 2.83
N ARG B 304 -1.36 -12.59 3.64
CA ARG B 304 -1.51 -13.04 5.03
C ARG B 304 -1.72 -14.58 5.06
N ALA B 305 -2.68 -15.04 4.24
CA ALA B 305 -3.04 -16.45 4.12
C ALA B 305 -1.94 -17.37 3.65
N PHE B 306 -1.31 -17.06 2.52
CA PHE B 306 -0.24 -17.90 1.97
C PHE B 306 1.02 -18.00 2.82
N LEU B 307 1.27 -16.94 3.59
CA LEU B 307 2.41 -16.91 4.53
C LEU B 307 2.11 -17.72 5.80
N GLY B 308 0.91 -18.25 5.92
CA GLY B 308 0.55 -19.07 7.06
C GLY B 308 0.14 -18.28 8.30
N LEU B 309 -0.29 -17.04 8.10
CA LEU B 309 -0.69 -16.19 9.20
C LEU B 309 -2.19 -16.20 9.34
N PRO B 310 -2.67 -15.94 10.54
CA PRO B 310 -4.13 -15.90 10.79
C PRO B 310 -4.80 -14.61 10.29
N VAL B 311 -6.02 -14.71 9.78
CA VAL B 311 -6.77 -13.52 9.29
C VAL B 311 -7.52 -12.82 10.44
N GLY B 312 -8.24 -13.63 11.24
CA GLY B 312 -9.00 -13.19 12.40
C GLY B 312 -10.35 -12.54 12.06
N GLY B 313 -10.30 -11.49 11.26
CA GLY B 313 -11.52 -10.79 10.89
C GLY B 313 -11.25 -9.81 9.73
N ILE B 314 -12.31 -9.36 9.06
CA ILE B 314 -12.19 -8.45 7.94
C ILE B 314 -13.16 -7.31 8.20
N ARG B 315 -12.68 -6.08 8.28
CA ARG B 315 -13.56 -4.96 8.54
C ARG B 315 -13.98 -4.29 7.23
N GLN B 316 -15.27 -3.99 7.10
CA GLN B 316 -15.83 -3.37 5.87
C GLN B 316 -16.20 -1.93 6.22
N TYR B 317 -15.79 -0.98 5.39
CA TYR B 317 -15.99 0.44 5.68
C TYR B 317 -17.18 1.14 5.03
N GLY B 318 -18.31 0.45 4.94
CA GLY B 318 -19.50 1.03 4.33
C GLY B 318 -19.50 0.92 2.82
N PRO B 319 -20.52 1.51 2.21
CA PRO B 319 -20.69 1.49 0.74
C PRO B 319 -19.45 2.02 0.05
N ALA B 320 -18.98 1.19 -0.89
CA ALA B 320 -17.77 1.50 -1.64
C ALA B 320 -17.91 1.02 -3.08
N ALA B 321 -17.11 1.61 -3.96
CA ALA B 321 -17.14 1.18 -5.33
C ALA B 321 -15.81 1.39 -6.06
N SER B 322 -15.63 0.64 -7.15
CA SER B 322 -14.48 0.77 -8.04
C SER B 322 -15.06 0.96 -9.46
N ALA B 323 -14.35 1.69 -10.32
CA ALA B 323 -14.75 1.92 -11.69
C ALA B 323 -13.45 2.00 -12.49
N VAL B 324 -13.31 1.10 -13.49
CA VAL B 324 -12.08 1.06 -14.25
C VAL B 324 -11.82 2.25 -15.15
N ILE B 325 -10.53 2.44 -15.41
CA ILE B 325 -10.05 3.44 -16.37
C ILE B 325 -9.62 2.52 -17.52
N LEU B 326 -10.49 2.44 -18.55
CA LEU B 326 -10.32 1.55 -19.70
C LEU B 326 -10.45 2.26 -21.04
N PRO B 327 -9.38 2.96 -21.43
CA PRO B 327 -9.34 3.67 -22.69
C PRO B 327 -9.07 2.71 -23.84
N GLN B 328 -9.11 3.24 -25.06
CA GLN B 328 -8.86 2.46 -26.25
C GLN B 328 -8.13 3.34 -27.26
N LEU B 329 -6.85 3.05 -27.44
CA LEU B 329 -5.98 3.81 -28.34
C LEU B 329 -4.67 3.05 -28.47
N THR B 330 -3.75 3.56 -29.28
CA THR B 330 -2.45 2.98 -29.50
C THR B 330 -1.41 4.03 -29.13
N SER B 331 -0.55 3.67 -28.15
CA SER B 331 0.49 4.56 -27.67
C SER B 331 1.52 3.81 -26.84
N GLN B 332 2.72 4.35 -26.81
CA GLN B 332 3.77 3.81 -25.96
C GLN B 332 4.25 4.92 -25.00
N ASN B 333 3.43 5.94 -24.82
CA ASN B 333 3.80 7.06 -23.95
C ASN B 333 2.54 7.72 -23.42
N VAL B 334 1.71 6.94 -22.77
CA VAL B 334 0.44 7.48 -22.24
C VAL B 334 0.62 8.47 -21.08
N THR B 335 -0.17 9.51 -21.11
CA THR B 335 -0.19 10.52 -20.07
C THR B 335 -1.62 10.65 -19.59
N PHE B 336 -1.82 11.13 -18.37
CA PHE B 336 -3.14 11.25 -17.77
C PHE B 336 -3.34 12.68 -17.26
N ASP B 337 -4.26 13.38 -17.91
CA ASP B 337 -4.56 14.75 -17.52
C ASP B 337 -5.86 14.92 -16.74
N ASN B 338 -6.04 16.08 -16.16
CA ASN B 338 -7.26 16.35 -15.38
C ASN B 338 -7.43 15.53 -14.12
N VAL B 339 -6.35 14.96 -13.59
CA VAL B 339 -6.33 14.10 -12.40
C VAL B 339 -6.90 14.77 -11.16
N GLN B 340 -6.70 16.10 -11.12
CA GLN B 340 -7.20 16.93 -10.00
C GLN B 340 -8.71 16.82 -9.86
N ASN B 341 -9.40 16.42 -10.95
CA ASN B 341 -10.84 16.24 -10.92
C ASN B 341 -11.25 14.78 -10.75
N ALA B 342 -10.29 13.92 -10.38
CA ALA B 342 -10.60 12.52 -10.20
C ALA B 342 -10.25 12.02 -8.80
N VAL B 343 -9.82 12.95 -7.95
CA VAL B 343 -9.46 12.63 -6.57
C VAL B 343 -10.08 13.63 -5.60
N GLY B 344 -10.26 13.25 -4.35
CA GLY B 344 -10.85 14.20 -3.39
C GLY B 344 -11.26 13.46 -2.16
N ALA B 345 -12.21 14.00 -1.42
CA ALA B 345 -12.66 13.27 -0.22
C ALA B 345 -13.28 11.92 -0.63
N ASP B 346 -12.91 10.83 0.10
CA ASP B 346 -13.45 9.51 -0.15
C ASP B 346 -13.30 9.05 -1.58
N LEU B 347 -12.22 9.48 -2.25
CA LEU B 347 -12.00 9.18 -3.66
C LEU B 347 -10.53 9.10 -3.97
N GLN B 348 -10.11 7.99 -4.59
CA GLN B 348 -8.71 7.80 -4.96
C GLN B 348 -8.63 7.19 -6.33
N ILE B 349 -7.48 7.29 -6.94
CA ILE B 349 -7.29 6.64 -8.20
C ILE B 349 -5.96 5.93 -8.19
N ARG B 350 -5.86 4.87 -8.97
CA ARG B 350 -4.64 4.11 -9.18
C ARG B 350 -4.36 4.14 -10.68
N LEU B 351 -3.08 4.34 -11.04
CA LEU B 351 -2.57 4.33 -12.43
C LEU B 351 -1.50 3.23 -12.41
N PHE B 352 -1.68 2.22 -13.24
CA PHE B 352 -0.86 1.04 -13.21
C PHE B 352 0.59 1.01 -13.66
N GLY B 353 1.01 1.98 -14.47
CA GLY B 353 2.39 2.00 -14.99
C GLY B 353 2.59 1.14 -16.28
N LYS B 354 1.49 0.68 -16.93
CA LYS B 354 1.61 -0.14 -18.14
C LYS B 354 2.37 0.62 -19.19
N PRO B 355 3.38 -0.04 -19.77
CA PRO B 355 4.26 0.62 -20.72
C PRO B 355 3.62 1.04 -22.05
N GLU B 356 2.59 0.36 -22.47
CA GLU B 356 1.97 0.75 -23.72
C GLU B 356 0.57 0.17 -23.82
N ILE B 357 -0.14 0.59 -24.87
CA ILE B 357 -1.50 0.15 -25.16
C ILE B 357 -1.69 0.11 -26.68
N ASP B 358 -2.52 -0.80 -27.15
CA ASP B 358 -2.78 -0.92 -28.58
C ASP B 358 -4.16 -1.56 -28.68
N GLY B 359 -5.16 -0.74 -28.36
CA GLY B 359 -6.53 -1.19 -28.34
C GLY B 359 -7.09 -0.89 -26.96
N SER B 360 -8.00 -1.75 -26.53
CA SER B 360 -8.63 -1.57 -25.21
C SER B 360 -7.80 -2.21 -24.11
N ARG B 361 -7.44 -1.42 -23.10
CA ARG B 361 -6.65 -1.98 -22.00
C ARG B 361 -6.93 -1.25 -20.70
N ARG B 362 -6.93 -1.98 -19.58
CA ARG B 362 -7.21 -1.35 -18.29
C ARG B 362 -5.96 -0.64 -17.81
N LEU B 363 -5.99 0.70 -17.78
CA LEU B 363 -4.82 1.46 -17.34
C LEU B 363 -4.79 1.95 -15.87
N GLY B 364 -5.92 1.94 -15.19
CA GLY B 364 -6.04 2.38 -13.82
C GLY B 364 -7.42 2.05 -13.29
N VAL B 365 -7.68 2.50 -12.08
CA VAL B 365 -8.97 2.28 -11.46
C VAL B 365 -9.29 3.45 -10.52
N ALA B 366 -10.59 3.79 -10.43
CA ALA B 366 -11.08 4.85 -9.53
C ALA B 366 -11.77 4.13 -8.36
N LEU B 367 -11.58 4.64 -7.16
CA LEU B 367 -12.13 4.04 -5.96
C LEU B 367 -12.86 5.09 -5.17
N ALA B 368 -14.07 4.74 -4.67
CA ALA B 368 -14.85 5.70 -3.88
C ALA B 368 -15.67 5.03 -2.79
N THR B 369 -15.99 5.83 -1.79
CA THR B 369 -16.87 5.40 -0.70
C THR B 369 -17.98 6.48 -0.59
N ALA B 370 -19.12 6.09 -0.03
CA ALA B 370 -20.23 7.03 0.09
C ALA B 370 -21.23 6.47 1.08
N GLU B 371 -22.35 7.18 1.23
CA GLU B 371 -23.39 6.76 2.16
C GLU B 371 -24.27 5.67 1.60
N SER B 372 -24.30 5.54 0.28
CA SER B 372 -25.08 4.48 -0.32
C SER B 372 -24.24 3.85 -1.40
N VAL B 373 -24.47 2.58 -1.70
CA VAL B 373 -23.73 1.90 -2.74
C VAL B 373 -23.93 2.64 -4.08
N VAL B 374 -25.15 3.10 -4.31
CA VAL B 374 -25.48 3.84 -5.52
C VAL B 374 -24.60 5.09 -5.66
N ASP B 375 -24.52 5.86 -4.58
CA ASP B 375 -23.74 7.05 -4.55
C ASP B 375 -22.28 6.75 -4.72
N ALA B 376 -21.84 5.64 -4.16
CA ALA B 376 -20.43 5.23 -4.25
C ALA B 376 -20.07 4.94 -5.71
N ILE B 377 -20.95 4.18 -6.39
CA ILE B 377 -20.78 3.82 -7.78
C ILE B 377 -20.66 5.07 -8.64
N GLU B 378 -21.57 6.04 -8.44
CA GLU B 378 -21.54 7.26 -9.21
C GLU B 378 -20.27 8.07 -9.00
N ARG B 379 -19.86 8.19 -7.74
CA ARG B 379 -18.66 8.93 -7.41
C ARG B 379 -17.43 8.33 -8.12
N ALA B 380 -17.33 7.01 -8.09
CA ALA B 380 -16.23 6.26 -8.72
C ALA B 380 -16.29 6.44 -10.24
N LYS B 381 -17.48 6.20 -10.84
CA LYS B 381 -17.67 6.35 -12.29
C LYS B 381 -17.29 7.73 -12.78
N HIS B 382 -17.82 8.73 -12.07
CA HIS B 382 -17.55 10.09 -12.43
C HIS B 382 -16.05 10.39 -12.42
N ALA B 383 -15.37 9.93 -11.36
CA ALA B 383 -13.91 10.13 -11.20
C ALA B 383 -13.13 9.47 -12.37
N ALA B 384 -13.43 8.20 -12.67
CA ALA B 384 -12.78 7.48 -13.76
C ALA B 384 -12.98 8.24 -15.06
N GLY B 385 -14.18 8.77 -15.24
CA GLY B 385 -14.55 9.52 -16.44
C GLY B 385 -13.86 10.88 -16.57
N GLN B 386 -13.32 11.42 -15.48
CA GLN B 386 -12.67 12.71 -15.56
C GLN B 386 -11.23 12.66 -16.05
N VAL B 387 -10.61 11.48 -15.90
CA VAL B 387 -9.23 11.27 -16.32
C VAL B 387 -9.14 11.38 -17.86
N LYS B 388 -8.26 12.22 -18.36
CA LYS B 388 -8.11 12.35 -19.81
C LYS B 388 -6.88 11.52 -20.20
N VAL B 389 -7.13 10.43 -20.95
CA VAL B 389 -6.06 9.54 -21.37
C VAL B 389 -5.49 10.00 -22.72
N GLN B 390 -4.24 10.49 -22.69
CA GLN B 390 -3.61 10.96 -23.91
C GLN B 390 -2.54 9.99 -24.41
N GLY B 391 -2.35 9.97 -25.74
CA GLY B 391 -1.38 9.07 -26.37
C GLY B 391 -0.11 9.70 -26.88
MG MG C . 13.17 16.81 15.77
MG MG D . 10.21 15.67 17.96
MG MG E . 11.39 10.90 15.57
NA NA F . 13.07 -1.74 -8.40
NA NA G . 8.02 22.99 -3.76
CL CL H . 19.34 32.62 22.23
CL CL I . 15.16 13.87 10.58
PG ATP J . 12.55 13.85 16.66
O1G ATP J . 12.82 12.42 16.30
O2G ATP J . 11.12 14.13 16.99
O3G ATP J . 13.13 14.90 15.63
PB ATP J . 14.33 15.29 18.46
O1B ATP J . 15.77 14.87 18.63
O2B ATP J . 14.19 16.52 17.59
O3B ATP J . 13.35 14.10 18.03
PA ATP J . 12.55 16.54 20.36
O1A ATP J . 12.86 18.05 20.37
O2A ATP J . 11.35 16.18 19.51
O3A ATP J . 13.85 15.73 19.92
O5' ATP J . 12.19 16.08 21.85
C5' ATP J . 11.91 14.68 22.04
C4' ATP J . 10.90 14.56 23.16
O4' ATP J . 11.42 15.18 24.39
C3' ATP J . 9.59 15.29 22.88
O3' ATP J . 8.75 14.56 21.97
C2' ATP J . 9.11 15.53 24.35
O2' ATP J . 8.58 14.33 24.92
C1' ATP J . 10.41 15.88 25.08
N9 ATP J . 10.70 17.32 25.03
C8 ATP J . 11.44 18.01 24.09
N7 ATP J . 11.57 19.31 24.39
C5 ATP J . 10.84 19.49 25.56
C6 ATP J . 10.61 20.67 26.35
N6 ATP J . 11.07 21.84 26.16
N1 ATP J . 9.81 20.42 27.43
C2 ATP J . 9.30 19.18 27.75
N3 ATP J . 9.51 18.08 27.06
C4 ATP J . 10.28 18.28 25.94
S1 MPO K . 19.43 -0.22 -9.70
O1 MPO K . 18.87 0.81 -8.78
O2 MPO K . 18.35 -0.92 -10.47
O4 MPO K . 16.02 -3.49 -4.17
N1 MPO K . 18.21 -2.56 -5.78
C1 MPO K . 20.41 -1.45 -8.73
O3 MPO K . 20.35 0.53 -10.60
C2 MPO K . 19.49 -2.39 -7.96
C3 MPO K . 18.84 -1.59 -6.85
C4 MPO K . 17.10 -3.38 -6.36
C5 MPO K . 16.54 -4.28 -5.25
C6 MPO K . 17.04 -2.64 -3.61
C7 MPO K . 17.75 -1.75 -4.61
C1 EDO L . 11.82 8.13 -18.07
O1 EDO L . 11.71 9.12 -17.05
C2 EDO L . 13.24 7.60 -18.15
O2 EDO L . 13.38 6.41 -17.38
C1 EDO M . 12.90 26.64 33.76
O1 EDO M . 12.55 26.35 35.11
C2 EDO M . 12.78 25.36 32.96
O2 EDO M . 12.09 24.42 33.72
C1 EDO N . 10.92 17.31 13.67
O1 EDO N . 12.29 17.02 13.90
C2 EDO N . 10.11 16.04 13.90
O2 EDO N . 10.40 15.14 12.83
C1 EDO O . 1.38 27.02 -0.34
O1 EDO O . 0.24 27.87 -0.27
C2 EDO O . 2.54 27.69 0.37
O2 EDO O . 2.27 27.74 1.77
C1 EDO P . 10.32 10.19 -27.27
O1 EDO P . 9.68 11.33 -26.69
C2 EDO P . 11.73 10.00 -26.70
O2 EDO P . 12.16 8.64 -26.74
MG MG Q . -12.97 -17.78 -15.84
MG MG R . -15.69 -15.17 -14.50
PG ATP S . -13.13 -14.59 -16.38
O1G ATP S . -12.18 -13.45 -16.58
O2G ATP S . -14.19 -14.33 -15.34
O3G ATP S . -12.27 -15.93 -16.09
PB ATP S . -14.40 -16.21 -18.40
O1B ATP S . -13.81 -16.23 -19.78
O2B ATP S . -13.95 -17.46 -17.69
O3B ATP S . -13.94 -14.85 -17.73
PA ATP S . -17.13 -16.43 -17.41
O1A ATP S . -17.56 -17.85 -17.33
O2A ATP S . -16.72 -15.93 -16.05
O3A ATP S . -15.98 -16.18 -18.46
O5' ATP S . -18.38 -15.55 -17.87
C5' ATP S . -18.06 -14.15 -17.91
C4' ATP S . -19.29 -13.40 -17.49
O4' ATP S . -20.30 -13.87 -18.41
C3' ATP S . -19.83 -13.72 -16.10
O3' ATP S . -19.26 -12.83 -15.14
C2' ATP S . -21.34 -13.57 -16.38
O2' ATP S . -21.84 -12.22 -16.27
C1' ATP S . -21.52 -14.06 -17.82
N9 ATP S . -21.81 -15.51 -17.91
C8 ATP S . -20.97 -16.56 -18.07
N7 ATP S . -21.57 -17.77 -17.99
C5 ATP S . -22.92 -17.46 -17.82
C6 ATP S . -24.09 -18.28 -17.63
N6 ATP S . -24.24 -19.54 -17.68
N1 ATP S . -25.24 -17.57 -17.49
C2 ATP S . -25.28 -16.19 -17.46
N3 ATP S . -24.25 -15.41 -17.61
C4 ATP S . -23.07 -16.08 -17.77
C1 EDO T . -35.03 -12.93 5.36
O1 EDO T . -34.87 -11.89 6.30
C2 EDO T . -34.07 -14.05 5.68
O2 EDO T . -33.55 -14.58 4.47
#